data_6K4W
#
_entry.id   6K4W
#
_entity_poly.entity_id   1
_entity_poly.type   'polypeptide(L)'
_entity_poly.pdbx_seq_one_letter_code
;RVQGRWKVRASFFKEAAAKEAAAKGFAWNVCVYRNGVRVCHRRAN
;
_entity_poly.pdbx_strand_id   A
#
# COMPACT_ATOMS: atom_id res chain seq x y z
N ARG A 1 -20.65 -11.96 -20.07
CA ARG A 1 -19.19 -12.01 -19.82
C ARG A 1 -18.91 -11.79 -18.35
N VAL A 2 -17.82 -12.36 -17.87
CA VAL A 2 -17.40 -12.16 -16.49
C VAL A 2 -16.21 -11.21 -16.45
N GLN A 3 -16.30 -10.19 -15.61
CA GLN A 3 -15.26 -9.19 -15.52
C GLN A 3 -14.23 -9.61 -14.45
N GLY A 4 -12.96 -9.44 -14.77
CA GLY A 4 -11.92 -9.81 -13.83
C GLY A 4 -11.30 -8.59 -13.16
N ARG A 5 -11.73 -7.40 -13.57
CA ARG A 5 -11.20 -6.14 -13.06
C ARG A 5 -11.28 -6.10 -11.53
N TRP A 6 -12.43 -6.49 -10.98
CA TRP A 6 -12.59 -6.51 -9.54
C TRP A 6 -12.45 -7.94 -9.02
N LYS A 7 -12.60 -8.91 -9.92
CA LYS A 7 -12.54 -10.32 -9.54
C LYS A 7 -11.18 -10.66 -8.93
N VAL A 8 -10.15 -9.90 -9.30
CA VAL A 8 -8.82 -10.07 -8.73
C VAL A 8 -8.82 -9.78 -7.23
N ARG A 9 -9.81 -9.03 -6.77
CA ARG A 9 -9.93 -8.73 -5.35
C ARG A 9 -10.43 -9.95 -4.59
N ALA A 10 -11.22 -10.76 -5.29
CA ALA A 10 -11.75 -11.99 -4.72
C ALA A 10 -10.70 -13.09 -4.80
N SER A 11 -9.88 -13.03 -5.83
CA SER A 11 -8.79 -13.99 -6.00
C SER A 11 -7.78 -13.84 -4.86
N PHE A 12 -7.38 -12.61 -4.59
CA PHE A 12 -6.39 -12.33 -3.55
C PHE A 12 -6.98 -12.44 -2.15
N PHE A 13 -8.23 -12.87 -2.05
CA PHE A 13 -8.84 -13.12 -0.76
C PHE A 13 -8.17 -14.32 -0.11
N LYS A 14 -7.64 -15.20 -0.96
CA LYS A 14 -6.93 -16.38 -0.51
C LYS A 14 -5.50 -16.02 -0.11
N GLU A 15 -4.92 -15.07 -0.85
CA GLU A 15 -3.57 -14.59 -0.57
C GLU A 15 -3.59 -13.58 0.58
N ALA A 16 -4.78 -13.29 1.09
CA ALA A 16 -4.94 -12.31 2.15
C ALA A 16 -4.63 -12.92 3.52
N ALA A 17 -4.12 -14.15 3.52
CA ALA A 17 -3.65 -14.77 4.74
C ALA A 17 -2.23 -14.30 5.05
N ALA A 18 -1.63 -13.66 4.05
CA ALA A 18 -0.30 -13.08 4.19
C ALA A 18 -0.40 -11.61 4.59
N LYS A 19 -1.57 -11.24 5.09
CA LYS A 19 -1.91 -9.84 5.36
C LYS A 19 -1.07 -9.20 6.48
N GLU A 20 0.03 -9.83 6.88
CA GLU A 20 0.89 -9.29 7.94
C GLU A 20 1.28 -7.84 7.67
N ALA A 21 1.61 -7.51 6.41
CA ALA A 21 1.94 -6.13 6.06
C ALA A 21 0.69 -5.34 5.77
N ALA A 22 -0.37 -6.04 5.38
CA ALA A 22 -1.65 -5.43 5.09
C ALA A 22 -2.48 -5.25 6.36
N ALA A 23 -1.83 -5.44 7.50
CA ALA A 23 -2.49 -5.19 8.77
C ALA A 23 -2.53 -3.70 9.05
N LYS A 24 -1.55 -2.98 8.51
CA LYS A 24 -1.51 -1.53 8.63
C LYS A 24 -0.53 -0.93 7.63
N GLY A 25 -1.07 -0.22 6.64
CA GLY A 25 -0.24 0.50 5.70
C GLY A 25 0.27 -0.34 4.54
N PHE A 26 -0.61 -1.12 3.93
CA PHE A 26 -0.24 -1.85 2.71
C PHE A 26 -1.13 -1.41 1.56
N ALA A 27 -2.39 -1.81 1.64
CA ALA A 27 -3.37 -1.47 0.62
C ALA A 27 -4.58 -0.82 1.28
N TRP A 28 -4.31 0.18 2.11
CA TRP A 28 -5.34 0.88 2.83
C TRP A 28 -5.46 2.32 2.34
N ASN A 29 -5.06 2.53 1.12
CA ASN A 29 -5.12 3.85 0.52
C ASN A 29 -6.39 3.99 -0.29
N VAL A 30 -7.16 5.03 0.00
CA VAL A 30 -8.38 5.29 -0.73
C VAL A 30 -8.06 6.12 -1.95
N CYS A 31 -7.92 5.44 -3.07
CA CYS A 31 -7.59 6.10 -4.32
C CYS A 31 -8.84 6.38 -5.13
N VAL A 32 -9.06 7.63 -5.42
CA VAL A 32 -10.22 8.07 -6.19
C VAL A 32 -9.80 9.10 -7.20
N TYR A 33 -10.63 9.31 -8.19
CA TYR A 33 -10.31 10.28 -9.22
C TYR A 33 -10.92 11.62 -8.88
N ARG A 34 -10.15 12.40 -8.13
CA ARG A 34 -10.57 13.69 -7.65
C ARG A 34 -10.27 14.75 -8.70
N ASN A 35 -11.34 15.29 -9.29
CA ASN A 35 -11.26 16.26 -10.40
C ASN A 35 -10.27 15.83 -11.47
N GLY A 36 -10.24 14.52 -11.75
CA GLY A 36 -9.40 14.00 -12.81
C GLY A 36 -8.12 13.38 -12.31
N VAL A 37 -7.70 13.74 -11.10
CA VAL A 37 -6.44 13.25 -10.57
C VAL A 37 -6.67 12.12 -9.58
N ARG A 38 -5.92 11.04 -9.74
CA ARG A 38 -6.04 9.90 -8.87
C ARG A 38 -5.39 10.19 -7.52
N VAL A 39 -6.23 10.46 -6.54
CA VAL A 39 -5.78 10.87 -5.22
C VAL A 39 -6.00 9.73 -4.23
N CYS A 40 -5.06 9.55 -3.30
CA CYS A 40 -5.17 8.48 -2.33
C CYS A 40 -4.95 8.99 -0.91
N HIS A 41 -5.79 8.56 0.01
CA HIS A 41 -5.66 8.90 1.42
C HIS A 41 -5.82 7.67 2.28
N ARG A 42 -5.20 7.69 3.44
CA ARG A 42 -5.11 6.51 4.29
C ARG A 42 -6.39 6.27 5.08
N ARG A 43 -6.87 5.03 5.04
CA ARG A 43 -8.03 4.64 5.81
C ARG A 43 -7.69 4.64 7.29
N ALA A 44 -8.69 4.91 8.11
CA ALA A 44 -8.52 4.97 9.55
C ALA A 44 -8.41 3.57 10.14
N ASN A 45 -7.21 2.99 10.06
CA ASN A 45 -6.98 1.63 10.53
C ASN A 45 -5.70 1.57 11.35
N ARG A 1 21.68 -13.90 -12.26
CA ARG A 1 22.95 -13.45 -11.63
C ARG A 1 23.41 -14.46 -10.59
N VAL A 2 22.71 -14.50 -9.46
CA VAL A 2 23.04 -15.43 -8.39
C VAL A 2 21.75 -16.00 -7.78
N GLN A 3 21.90 -16.77 -6.70
CA GLN A 3 20.75 -17.38 -6.06
C GLN A 3 19.98 -16.35 -5.24
N GLY A 4 18.67 -16.34 -5.41
CA GLY A 4 17.83 -15.36 -4.75
C GLY A 4 17.10 -15.94 -3.55
N ARG A 5 17.70 -16.96 -2.94
CA ARG A 5 17.10 -17.65 -1.79
C ARG A 5 16.67 -16.67 -0.69
N TRP A 6 17.58 -15.78 -0.32
CA TRP A 6 17.33 -14.84 0.76
C TRP A 6 16.89 -13.49 0.21
N LYS A 7 17.13 -13.29 -1.08
CA LYS A 7 16.81 -12.04 -1.76
C LYS A 7 15.30 -11.80 -1.78
N VAL A 8 14.53 -12.83 -1.45
CA VAL A 8 13.08 -12.72 -1.37
C VAL A 8 12.66 -11.58 -0.42
N ARG A 9 13.50 -11.32 0.58
CA ARG A 9 13.24 -10.26 1.54
C ARG A 9 13.41 -8.90 0.90
N ALA A 10 14.33 -8.80 -0.06
CA ALA A 10 14.58 -7.55 -0.76
C ALA A 10 13.68 -7.43 -1.98
N SER A 11 13.14 -8.55 -2.42
CA SER A 11 12.26 -8.59 -3.57
C SER A 11 11.01 -7.75 -3.37
N PHE A 12 10.61 -7.57 -2.10
CA PHE A 12 9.42 -6.79 -1.78
C PHE A 12 9.58 -5.32 -2.18
N PHE A 13 10.80 -4.92 -2.50
CA PHE A 13 11.06 -3.57 -2.96
C PHE A 13 10.78 -3.44 -4.45
N LYS A 14 11.24 -4.42 -5.23
CA LYS A 14 11.01 -4.41 -6.67
C LYS A 14 9.59 -4.87 -6.99
N GLU A 15 9.05 -5.77 -6.16
CA GLU A 15 7.66 -6.19 -6.32
C GLU A 15 6.73 -5.05 -5.92
N ALA A 16 7.26 -4.10 -5.15
CA ALA A 16 6.50 -2.93 -4.74
C ALA A 16 6.41 -1.92 -5.88
N ALA A 17 7.10 -2.19 -6.97
CA ALA A 17 7.00 -1.37 -8.17
C ALA A 17 5.77 -1.81 -8.97
N ALA A 18 5.20 -2.94 -8.58
CA ALA A 18 4.01 -3.47 -9.21
C ALA A 18 2.76 -2.99 -8.48
N LYS A 19 2.93 -1.99 -7.61
CA LYS A 19 1.82 -1.43 -6.85
C LYS A 19 1.01 -0.49 -7.72
N GLU A 20 1.33 -0.47 -9.01
CA GLU A 20 0.61 0.38 -9.97
C GLU A 20 -0.85 -0.07 -10.10
N ALA A 21 -1.12 -1.27 -9.64
CA ALA A 21 -2.47 -1.83 -9.68
C ALA A 21 -3.29 -1.39 -8.46
N ALA A 22 -2.66 -0.58 -7.60
CA ALA A 22 -3.31 -0.11 -6.37
C ALA A 22 -4.63 0.59 -6.67
N ALA A 23 -4.66 1.33 -7.78
CA ALA A 23 -5.83 2.11 -8.16
C ALA A 23 -7.04 1.21 -8.43
N LYS A 24 -6.79 -0.01 -8.89
CA LYS A 24 -7.86 -0.94 -9.19
C LYS A 24 -8.32 -1.68 -7.93
N GLY A 25 -7.57 -1.49 -6.85
CA GLY A 25 -7.92 -2.11 -5.60
C GLY A 25 -6.93 -3.18 -5.17
N PHE A 26 -5.65 -2.95 -5.41
CA PHE A 26 -4.62 -3.88 -4.98
C PHE A 26 -3.82 -3.31 -3.83
N ALA A 27 -4.42 -2.36 -3.14
CA ALA A 27 -3.79 -1.71 -2.00
C ALA A 27 -4.84 -1.24 -1.01
N TRP A 28 -4.39 -0.81 0.15
CA TRP A 28 -5.28 -0.32 1.19
C TRP A 28 -5.56 1.17 1.03
N ASN A 29 -4.72 1.85 0.25
CA ASN A 29 -4.86 3.28 0.02
C ASN A 29 -6.24 3.59 -0.55
N VAL A 30 -6.88 4.61 0.00
CA VAL A 30 -8.18 5.02 -0.48
C VAL A 30 -7.98 6.01 -1.60
N CYS A 31 -8.06 5.53 -2.83
CA CYS A 31 -7.77 6.36 -3.99
C CYS A 31 -8.98 6.49 -4.90
N VAL A 32 -9.32 7.74 -5.19
CA VAL A 32 -10.40 8.05 -6.11
C VAL A 32 -9.92 9.07 -7.12
N TYR A 33 -10.73 9.37 -8.12
CA TYR A 33 -10.32 10.28 -9.17
C TYR A 33 -10.93 11.65 -8.98
N ARG A 34 -10.20 12.47 -8.25
CA ARG A 34 -10.62 13.81 -7.89
C ARG A 34 -10.04 14.81 -8.87
N ASN A 35 -10.92 15.52 -9.58
CA ASN A 35 -10.52 16.42 -10.68
C ASN A 35 -9.88 15.60 -11.80
N GLY A 36 -10.19 14.31 -11.81
CA GLY A 36 -9.59 13.40 -12.76
C GLY A 36 -8.25 12.87 -12.28
N VAL A 37 -7.78 13.39 -11.16
CA VAL A 37 -6.50 12.97 -10.61
C VAL A 37 -6.70 11.95 -9.50
N ARG A 38 -5.91 10.90 -9.53
CA ARG A 38 -5.99 9.85 -8.54
C ARG A 38 -5.49 10.35 -7.19
N VAL A 39 -6.42 10.56 -6.29
CA VAL A 39 -6.12 11.09 -4.97
C VAL A 39 -6.29 10.00 -3.91
N CYS A 40 -5.30 9.86 -3.05
CA CYS A 40 -5.33 8.82 -2.04
C CYS A 40 -5.18 9.42 -0.65
N HIS A 41 -5.96 8.91 0.30
CA HIS A 41 -5.90 9.41 1.66
C HIS A 41 -5.78 8.27 2.66
N ARG A 42 -5.47 8.63 3.89
CA ARG A 42 -5.34 7.67 4.99
C ARG A 42 -6.65 6.93 5.22
N ARG A 43 -6.55 5.71 5.71
CA ARG A 43 -7.71 4.87 5.94
C ARG A 43 -8.44 5.27 7.20
N ALA A 44 -9.62 4.71 7.37
CA ALA A 44 -10.44 4.97 8.54
C ALA A 44 -11.31 3.76 8.83
N ASN A 45 -10.72 2.58 8.67
CA ASN A 45 -11.43 1.33 8.86
C ASN A 45 -11.05 0.70 10.19
N ARG A 1 10.18 8.61 -14.60
CA ARG A 1 11.10 8.09 -13.56
C ARG A 1 12.35 7.51 -14.21
N VAL A 2 13.47 7.67 -13.52
CA VAL A 2 14.79 7.37 -14.08
C VAL A 2 15.05 5.87 -14.22
N GLN A 3 14.51 5.07 -13.30
CA GLN A 3 14.74 3.64 -13.34
C GLN A 3 13.84 2.98 -14.38
N GLY A 4 14.46 2.55 -15.47
CA GLY A 4 13.71 1.95 -16.56
C GLY A 4 13.26 0.54 -16.24
N ARG A 5 14.09 -0.19 -15.51
CA ARG A 5 13.77 -1.56 -15.11
C ARG A 5 12.48 -1.58 -14.30
N TRP A 6 12.24 -0.52 -13.54
CA TRP A 6 11.02 -0.41 -12.75
C TRP A 6 9.90 0.19 -13.61
N LYS A 7 10.28 1.05 -14.55
CA LYS A 7 9.33 1.68 -15.45
C LYS A 7 8.64 0.63 -16.33
N VAL A 8 9.37 -0.43 -16.66
CA VAL A 8 8.78 -1.57 -17.38
C VAL A 8 7.60 -2.11 -16.59
N ARG A 9 7.85 -2.40 -15.32
CA ARG A 9 6.82 -2.90 -14.43
C ARG A 9 5.69 -1.88 -14.27
N ALA A 10 6.06 -0.61 -14.24
CA ALA A 10 5.10 0.48 -14.11
C ALA A 10 4.28 0.68 -15.37
N SER A 11 4.69 0.04 -16.47
CA SER A 11 3.95 0.11 -17.71
C SER A 11 2.82 -0.93 -17.69
N PHE A 12 2.87 -1.80 -16.69
CA PHE A 12 1.86 -2.82 -16.47
C PHE A 12 1.06 -2.50 -15.22
N PHE A 13 1.11 -1.24 -14.81
CA PHE A 13 0.47 -0.78 -13.56
C PHE A 13 -1.01 -1.17 -13.50
N LYS A 14 -1.67 -1.19 -14.65
CA LYS A 14 -3.10 -1.49 -14.69
C LYS A 14 -3.31 -2.99 -14.52
N GLU A 15 -2.40 -3.77 -15.08
CA GLU A 15 -2.42 -5.21 -14.95
C GLU A 15 -2.08 -5.61 -13.51
N ALA A 16 -0.98 -5.04 -13.02
CA ALA A 16 -0.47 -5.34 -11.70
C ALA A 16 -1.46 -4.91 -10.62
N ALA A 17 -2.21 -3.85 -10.89
CA ALA A 17 -3.18 -3.33 -9.92
C ALA A 17 -4.21 -4.38 -9.52
N ALA A 18 -4.69 -5.14 -10.48
CA ALA A 18 -5.74 -6.12 -10.23
C ALA A 18 -5.14 -7.49 -9.89
N LYS A 19 -3.92 -7.73 -10.31
CA LYS A 19 -3.28 -9.03 -10.12
C LYS A 19 -2.38 -9.05 -8.89
N GLU A 20 -1.30 -8.28 -8.98
CA GLU A 20 -0.28 -8.26 -7.94
C GLU A 20 -0.72 -7.43 -6.73
N ALA A 21 -1.13 -6.21 -7.00
CA ALA A 21 -1.49 -5.27 -5.95
C ALA A 21 -2.72 -5.75 -5.18
N ALA A 22 -3.82 -5.97 -5.88
CA ALA A 22 -5.08 -6.37 -5.25
C ALA A 22 -4.94 -7.64 -4.42
N ALA A 23 -3.90 -8.42 -4.69
CA ALA A 23 -3.69 -9.68 -4.00
C ALA A 23 -3.05 -9.48 -2.63
N LYS A 24 -1.96 -8.73 -2.56
CA LYS A 24 -1.19 -8.65 -1.33
C LYS A 24 -0.53 -7.30 -1.09
N GLY A 25 -0.91 -6.29 -1.87
CA GLY A 25 -0.29 -4.98 -1.71
C GLY A 25 -0.93 -3.92 -2.57
N PHE A 26 -2.19 -3.62 -2.29
CA PHE A 26 -2.94 -2.66 -3.09
C PHE A 26 -2.87 -1.27 -2.50
N ALA A 27 -2.04 -1.13 -1.48
CA ALA A 27 -1.92 0.10 -0.70
C ALA A 27 -3.23 0.38 0.04
N TRP A 28 -3.15 0.47 1.36
CA TRP A 28 -4.31 0.72 2.18
C TRP A 28 -4.75 2.17 2.10
N ASN A 29 -4.94 2.62 0.88
CA ASN A 29 -5.36 3.98 0.59
C ASN A 29 -6.78 4.01 0.05
N VAL A 30 -7.46 5.10 0.32
CA VAL A 30 -8.73 5.40 -0.30
C VAL A 30 -8.48 6.32 -1.48
N CYS A 31 -8.47 5.76 -2.67
CA CYS A 31 -8.17 6.55 -3.86
C CYS A 31 -9.44 6.88 -4.62
N VAL A 32 -9.58 8.15 -4.97
CA VAL A 32 -10.70 8.63 -5.77
C VAL A 32 -10.20 9.55 -6.85
N TYR A 33 -10.90 9.60 -7.95
CA TYR A 33 -10.47 10.40 -9.08
C TYR A 33 -11.08 11.79 -9.00
N ARG A 34 -10.37 12.67 -8.32
CA ARG A 34 -10.79 14.05 -8.16
C ARG A 34 -10.18 14.88 -9.27
N ASN A 35 -11.05 15.51 -10.07
CA ASN A 35 -10.67 16.28 -11.25
C ASN A 35 -9.66 15.54 -12.13
N GLY A 36 -9.78 14.22 -12.17
CA GLY A 36 -8.95 13.41 -13.06
C GLY A 36 -7.74 12.82 -12.37
N VAL A 37 -7.44 13.28 -11.17
CA VAL A 37 -6.28 12.81 -10.43
C VAL A 37 -6.68 11.78 -9.41
N ARG A 38 -5.88 10.72 -9.31
CA ARG A 38 -6.12 9.66 -8.37
C ARG A 38 -5.65 10.08 -6.98
N VAL A 39 -6.58 10.62 -6.21
CA VAL A 39 -6.30 11.16 -4.89
C VAL A 39 -6.43 10.06 -3.86
N CYS A 40 -5.43 9.90 -3.02
CA CYS A 40 -5.43 8.80 -2.08
C CYS A 40 -5.18 9.27 -0.65
N HIS A 41 -5.97 8.75 0.27
CA HIS A 41 -5.76 8.96 1.70
C HIS A 41 -5.81 7.63 2.42
N ARG A 42 -5.01 7.51 3.45
CA ARG A 42 -4.80 6.22 4.11
C ARG A 42 -6.04 5.78 4.88
N ARG A 43 -6.42 4.52 4.64
CA ARG A 43 -7.61 3.93 5.24
C ARG A 43 -7.44 3.78 6.73
N ALA A 44 -8.55 3.85 7.44
CA ALA A 44 -8.55 3.71 8.88
C ALA A 44 -8.67 2.23 9.27
N ASN A 45 -7.81 1.40 8.67
CA ASN A 45 -7.81 -0.02 8.94
C ASN A 45 -6.65 -0.39 9.85
N ARG A 1 35.17 5.40 4.60
CA ARG A 1 34.52 5.17 5.92
C ARG A 1 33.43 4.09 5.82
N VAL A 2 33.17 3.60 4.61
CA VAL A 2 32.16 2.56 4.41
C VAL A 2 32.79 1.20 4.72
N GLN A 3 33.00 0.94 6.00
CA GLN A 3 33.65 -0.27 6.45
C GLN A 3 32.73 -1.04 7.39
N GLY A 4 33.24 -2.05 8.07
CA GLY A 4 32.43 -2.86 8.97
C GLY A 4 31.68 -2.03 10.00
N ARG A 5 32.24 -0.89 10.36
CA ARG A 5 31.62 0.02 11.32
C ARG A 5 30.36 0.65 10.73
N TRP A 6 30.33 0.81 9.43
CA TRP A 6 29.27 1.54 8.77
C TRP A 6 28.15 0.61 8.32
N LYS A 7 28.50 -0.66 8.12
CA LYS A 7 27.52 -1.65 7.68
C LYS A 7 26.64 -2.10 8.84
N VAL A 8 26.91 -1.55 10.01
CA VAL A 8 26.11 -1.82 11.21
C VAL A 8 24.65 -1.43 10.98
N ARG A 9 24.43 -0.51 10.04
CA ARG A 9 23.09 -0.09 9.67
C ARG A 9 22.28 -1.26 9.13
N ALA A 10 22.98 -2.25 8.56
CA ALA A 10 22.34 -3.42 8.01
C ALA A 10 22.02 -4.43 9.11
N SER A 11 22.35 -4.09 10.33
CA SER A 11 22.04 -4.93 11.47
C SER A 11 20.79 -4.42 12.18
N PHE A 12 20.11 -3.46 11.56
CA PHE A 12 18.94 -2.85 12.16
C PHE A 12 17.63 -3.22 11.45
N PHE A 13 17.70 -3.89 10.30
CA PHE A 13 16.50 -4.12 9.49
C PHE A 13 15.67 -5.28 10.02
N LYS A 14 16.18 -5.97 11.02
CA LYS A 14 15.42 -7.00 11.71
C LYS A 14 14.66 -6.39 12.87
N GLU A 15 15.20 -5.28 13.37
CA GLU A 15 14.53 -4.51 14.40
C GLU A 15 13.47 -3.62 13.77
N ALA A 16 13.72 -3.25 12.52
CA ALA A 16 12.76 -2.46 11.76
C ALA A 16 11.85 -3.36 10.94
N ALA A 17 11.91 -4.66 11.21
CA ALA A 17 11.11 -5.64 10.47
C ALA A 17 9.65 -5.59 10.90
N ALA A 18 9.37 -4.76 11.91
CA ALA A 18 8.01 -4.55 12.38
C ALA A 18 7.18 -3.78 11.37
N LYS A 19 7.84 -3.33 10.30
CA LYS A 19 7.15 -2.63 9.22
C LYS A 19 6.42 -3.63 8.32
N GLU A 20 6.37 -4.88 8.73
CA GLU A 20 5.67 -5.93 7.98
C GLU A 20 4.19 -5.58 7.87
N ALA A 21 3.70 -4.78 8.81
CA ALA A 21 2.32 -4.32 8.79
C ALA A 21 2.03 -3.53 7.51
N ALA A 22 3.05 -2.87 6.98
CA ALA A 22 2.89 -2.03 5.79
C ALA A 22 2.75 -2.87 4.53
N ALA A 23 2.95 -4.17 4.65
CA ALA A 23 2.79 -5.07 3.53
C ALA A 23 1.42 -5.73 3.54
N LYS A 24 0.89 -5.92 4.75
CA LYS A 24 -0.40 -6.59 4.91
C LYS A 24 -1.54 -5.58 5.00
N GLY A 25 -1.27 -4.42 5.58
CA GLY A 25 -2.29 -3.40 5.71
C GLY A 25 -1.97 -2.42 6.83
N PHE A 26 -1.17 -1.41 6.51
CA PHE A 26 -0.87 -0.35 7.46
C PHE A 26 -1.31 0.99 6.89
N ALA A 27 -1.23 1.10 5.58
CA ALA A 27 -1.58 2.32 4.88
C ALA A 27 -2.46 2.00 3.68
N TRP A 28 -3.68 1.55 3.96
CA TRP A 28 -4.65 1.29 2.91
C TRP A 28 -4.94 2.56 2.14
N ASN A 29 -4.42 2.66 0.93
CA ASN A 29 -4.64 3.82 0.09
C ASN A 29 -5.99 3.75 -0.58
N VAL A 30 -6.88 4.64 -0.17
CA VAL A 30 -8.18 4.75 -0.79
C VAL A 30 -8.09 5.73 -1.94
N CYS A 31 -7.96 5.19 -3.12
CA CYS A 31 -7.75 5.99 -4.31
C CYS A 31 -9.08 6.34 -4.97
N VAL A 32 -9.32 7.64 -5.08
CA VAL A 32 -10.50 8.15 -5.76
C VAL A 32 -10.06 9.18 -6.78
N TYR A 33 -10.99 9.78 -7.50
CA TYR A 33 -10.61 10.67 -8.58
C TYR A 33 -11.05 12.09 -8.31
N ARG A 34 -10.08 12.95 -8.05
CA ARG A 34 -10.35 14.35 -7.81
C ARG A 34 -9.87 15.17 -9.01
N ASN A 35 -10.82 15.79 -9.71
CA ASN A 35 -10.53 16.58 -10.90
C ASN A 35 -9.78 15.74 -11.94
N GLY A 36 -10.19 14.47 -12.06
CA GLY A 36 -9.58 13.60 -13.05
C GLY A 36 -8.27 12.99 -12.59
N VAL A 37 -7.71 13.53 -11.52
CA VAL A 37 -6.46 13.04 -10.98
C VAL A 37 -6.72 12.11 -9.81
N ARG A 38 -6.04 10.99 -9.80
CA ARG A 38 -6.24 9.98 -8.77
C ARG A 38 -5.63 10.45 -7.45
N VAL A 39 -6.43 10.36 -6.41
CA VAL A 39 -6.04 10.81 -5.09
C VAL A 39 -6.24 9.70 -4.09
N CYS A 40 -5.27 9.51 -3.21
CA CYS A 40 -5.32 8.40 -2.29
C CYS A 40 -5.18 8.87 -0.86
N HIS A 41 -6.02 8.32 0.02
CA HIS A 41 -5.96 8.63 1.44
C HIS A 41 -5.97 7.36 2.26
N ARG A 42 -5.48 7.46 3.46
CA ARG A 42 -5.38 6.31 4.35
C ARG A 42 -6.68 6.14 5.12
N ARG A 43 -7.06 4.89 5.37
CA ARG A 43 -8.26 4.60 6.14
C ARG A 43 -8.05 4.94 7.60
N ALA A 44 -9.09 5.45 8.21
CA ALA A 44 -9.05 5.85 9.61
C ALA A 44 -9.31 4.66 10.53
N ASN A 45 -8.36 3.73 10.55
CA ASN A 45 -8.49 2.53 11.35
C ASN A 45 -8.06 2.83 12.79
N ARG A 1 12.89 15.03 -20.11
CA ARG A 1 12.13 14.26 -19.10
C ARG A 1 13.05 13.72 -18.02
N VAL A 2 13.56 14.59 -17.18
CA VAL A 2 14.41 14.17 -16.08
C VAL A 2 13.74 14.48 -14.74
N GLN A 3 13.60 13.45 -13.91
CA GLN A 3 13.02 13.63 -12.60
C GLN A 3 14.12 13.71 -11.55
N GLY A 4 14.33 14.91 -11.02
CA GLY A 4 15.43 15.11 -10.10
C GLY A 4 15.04 14.89 -8.65
N ARG A 5 14.25 15.80 -8.09
CA ARG A 5 13.86 15.71 -6.69
C ARG A 5 12.86 14.59 -6.47
N TRP A 6 12.39 14.00 -7.57
CA TRP A 6 11.50 12.85 -7.50
C TRP A 6 12.19 11.70 -6.77
N LYS A 7 13.49 11.56 -7.00
CA LYS A 7 14.27 10.50 -6.37
C LYS A 7 14.41 10.77 -4.87
N VAL A 8 14.27 12.04 -4.50
CA VAL A 8 14.29 12.44 -3.10
C VAL A 8 12.94 12.11 -2.46
N ARG A 9 11.89 12.23 -3.24
CA ARG A 9 10.55 11.86 -2.79
C ARG A 9 10.43 10.34 -2.69
N ALA A 10 10.89 9.67 -3.74
CA ALA A 10 10.83 8.22 -3.84
C ALA A 10 11.88 7.52 -2.98
N SER A 11 12.68 8.31 -2.26
CA SER A 11 13.77 7.78 -1.44
C SER A 11 13.29 6.72 -0.45
N PHE A 12 12.00 6.73 -0.14
CA PHE A 12 11.43 5.78 0.80
C PHE A 12 11.08 4.46 0.11
N PHE A 13 11.59 4.28 -1.11
CA PHE A 13 11.29 3.10 -1.91
C PHE A 13 11.68 1.80 -1.20
N LYS A 14 12.72 1.86 -0.38
CA LYS A 14 13.19 0.67 0.31
C LYS A 14 12.43 0.49 1.62
N GLU A 15 11.81 1.56 2.08
CA GLU A 15 10.97 1.52 3.27
C GLU A 15 9.54 1.17 2.86
N ALA A 16 9.27 1.32 1.57
CA ALA A 16 7.98 1.01 1.01
C ALA A 16 7.93 -0.43 0.53
N ALA A 17 8.91 -1.22 0.96
CA ALA A 17 8.98 -2.63 0.61
C ALA A 17 7.81 -3.39 1.22
N ALA A 18 7.15 -2.76 2.19
CA ALA A 18 5.96 -3.31 2.83
C ALA A 18 4.79 -3.37 1.84
N LYS A 19 5.02 -2.92 0.61
CA LYS A 19 4.03 -2.99 -0.44
C LYS A 19 3.87 -4.45 -0.92
N GLU A 20 4.64 -5.34 -0.31
CA GLU A 20 4.50 -6.77 -0.57
C GLU A 20 3.16 -7.28 -0.03
N ALA A 21 2.45 -6.40 0.67
CA ALA A 21 1.11 -6.68 1.13
C ALA A 21 0.13 -6.75 -0.03
N ALA A 22 0.62 -6.48 -1.24
CA ALA A 22 -0.17 -6.55 -2.46
C ALA A 22 -0.77 -7.95 -2.63
N ALA A 23 -0.10 -8.95 -2.07
CA ALA A 23 -0.57 -10.33 -2.15
C ALA A 23 -1.92 -10.52 -1.45
N LYS A 24 -2.31 -9.54 -0.63
CA LYS A 24 -3.62 -9.57 0.02
C LYS A 24 -4.33 -8.24 -0.17
N GLY A 25 -3.75 -7.36 -0.97
CA GLY A 25 -4.32 -6.05 -1.17
C GLY A 25 -3.49 -4.96 -0.54
N PHE A 26 -2.74 -4.24 -1.35
CA PHE A 26 -1.90 -3.15 -0.86
C PHE A 26 -2.63 -1.83 -0.93
N ALA A 27 -3.81 -1.87 -1.54
CA ALA A 27 -4.60 -0.67 -1.74
C ALA A 27 -5.40 -0.30 -0.50
N TRP A 28 -4.69 -0.10 0.61
CA TRP A 28 -5.32 0.34 1.84
C TRP A 28 -5.47 1.86 1.81
N ASN A 29 -4.95 2.46 0.76
CA ASN A 29 -5.15 3.87 0.51
C ASN A 29 -6.47 4.06 -0.21
N VAL A 30 -7.17 5.11 0.14
CA VAL A 30 -8.42 5.43 -0.52
C VAL A 30 -8.12 6.30 -1.73
N CYS A 31 -8.05 5.66 -2.88
CA CYS A 31 -7.73 6.36 -4.11
C CYS A 31 -8.95 6.50 -5.00
N VAL A 32 -9.24 7.73 -5.37
CA VAL A 32 -10.33 8.03 -6.29
C VAL A 32 -9.92 9.15 -7.22
N TYR A 33 -10.52 9.20 -8.38
CA TYR A 33 -10.17 10.23 -9.34
C TYR A 33 -10.95 11.49 -9.04
N ARG A 34 -10.34 12.35 -8.25
CA ARG A 34 -10.95 13.58 -7.81
C ARG A 34 -10.42 14.72 -8.65
N ASN A 35 -11.24 15.18 -9.59
CA ASN A 35 -10.85 16.20 -10.55
C ASN A 35 -9.81 15.60 -11.52
N GLY A 36 -10.03 14.36 -11.92
CA GLY A 36 -9.20 13.75 -12.94
C GLY A 36 -7.94 13.11 -12.39
N VAL A 37 -7.52 13.53 -11.20
CA VAL A 37 -6.32 12.99 -10.59
C VAL A 37 -6.69 12.01 -9.50
N ARG A 38 -5.93 10.94 -9.41
CA ARG A 38 -6.21 9.87 -8.47
C ARG A 38 -5.70 10.25 -7.09
N VAL A 39 -6.60 10.77 -6.27
CA VAL A 39 -6.28 11.21 -4.94
C VAL A 39 -6.36 10.04 -3.96
N CYS A 40 -5.33 9.90 -3.13
CA CYS A 40 -5.27 8.79 -2.19
C CYS A 40 -5.05 9.29 -0.78
N HIS A 41 -5.74 8.68 0.17
CA HIS A 41 -5.55 8.99 1.57
C HIS A 41 -5.64 7.73 2.41
N ARG A 42 -4.97 7.75 3.54
CA ARG A 42 -4.90 6.59 4.42
C ARG A 42 -6.23 6.36 5.14
N ARG A 43 -6.59 5.10 5.30
CA ARG A 43 -7.81 4.72 5.99
C ARG A 43 -7.64 4.88 7.49
N ALA A 44 -8.75 4.81 8.20
CA ALA A 44 -8.74 4.86 9.65
C ALA A 44 -8.36 3.51 10.24
N ASN A 45 -7.06 3.25 10.28
CA ASN A 45 -6.53 1.99 10.77
C ASN A 45 -6.64 1.90 12.29
N ARG A 1 13.96 -25.62 5.90
CA ARG A 1 14.31 -24.26 5.45
C ARG A 1 13.20 -23.27 5.78
N VAL A 2 12.97 -23.04 7.07
CA VAL A 2 11.90 -22.15 7.49
C VAL A 2 12.45 -20.78 7.91
N GLN A 3 12.41 -19.82 6.99
CA GLN A 3 12.93 -18.49 7.25
C GLN A 3 11.81 -17.53 7.62
N GLY A 4 12.13 -16.24 7.71
CA GLY A 4 11.15 -15.24 8.06
C GLY A 4 9.94 -15.25 7.14
N ARG A 5 10.19 -15.52 5.86
CA ARG A 5 9.11 -15.54 4.86
C ARG A 5 8.19 -16.75 5.05
N TRP A 6 8.51 -17.62 6.00
CA TRP A 6 7.65 -18.75 6.32
C TRP A 6 6.77 -18.40 7.51
N LYS A 7 7.39 -17.93 8.58
CA LYS A 7 6.65 -17.61 9.81
C LYS A 7 5.77 -16.38 9.61
N VAL A 8 6.16 -15.52 8.67
CA VAL A 8 5.38 -14.31 8.37
C VAL A 8 4.00 -14.68 7.83
N ARG A 9 3.87 -15.91 7.35
CA ARG A 9 2.61 -16.39 6.78
C ARG A 9 1.59 -16.68 7.88
N ALA A 10 2.07 -16.76 9.11
CA ALA A 10 1.18 -16.99 10.25
C ALA A 10 0.85 -15.67 10.94
N SER A 11 1.87 -14.87 11.22
CA SER A 11 1.68 -13.57 11.85
C SER A 11 0.89 -12.64 10.93
N PHE A 12 1.17 -12.73 9.65
CA PHE A 12 0.52 -11.90 8.65
C PHE A 12 -0.52 -12.69 7.86
N PHE A 13 -1.00 -13.78 8.45
CA PHE A 13 -2.00 -14.64 7.81
C PHE A 13 -3.19 -13.83 7.28
N LYS A 14 -3.52 -12.76 7.99
CA LYS A 14 -4.60 -11.86 7.57
C LYS A 14 -4.27 -11.22 6.23
N GLU A 15 -2.99 -10.92 6.01
CA GLU A 15 -2.52 -10.30 4.79
C GLU A 15 -2.22 -11.35 3.74
N ALA A 16 -1.85 -12.54 4.20
CA ALA A 16 -1.58 -13.66 3.33
C ALA A 16 -2.87 -14.13 2.64
N ALA A 17 -4.00 -13.68 3.17
CA ALA A 17 -5.29 -13.96 2.55
C ALA A 17 -5.57 -12.96 1.43
N ALA A 18 -4.83 -11.85 1.44
CA ALA A 18 -5.02 -10.81 0.46
C ALA A 18 -3.83 -10.73 -0.50
N LYS A 19 -2.91 -11.68 -0.37
CA LYS A 19 -1.69 -11.66 -1.18
C LYS A 19 -2.00 -11.84 -2.66
N GLU A 20 -3.13 -12.47 -2.95
CA GLU A 20 -3.57 -12.68 -4.32
C GLU A 20 -3.85 -11.35 -5.00
N ALA A 21 -4.31 -10.37 -4.22
CA ALA A 21 -4.57 -9.04 -4.74
C ALA A 21 -3.33 -8.17 -4.62
N ALA A 22 -2.59 -8.35 -3.54
CA ALA A 22 -1.37 -7.58 -3.28
C ALA A 22 -0.32 -7.80 -4.36
N ALA A 23 -0.38 -8.97 -5.00
CA ALA A 23 0.54 -9.31 -6.08
C ALA A 23 0.38 -8.37 -7.27
N LYS A 24 -0.81 -7.84 -7.44
CA LYS A 24 -1.10 -6.95 -8.56
C LYS A 24 -1.49 -5.56 -8.07
N GLY A 25 -1.28 -5.32 -6.78
CA GLY A 25 -1.62 -4.03 -6.21
C GLY A 25 -3.02 -4.03 -5.63
N PHE A 26 -3.12 -4.22 -4.33
CA PHE A 26 -4.41 -4.22 -3.64
C PHE A 26 -4.87 -2.79 -3.41
N ALA A 27 -3.92 -1.90 -3.18
CA ALA A 27 -4.20 -0.48 -2.95
C ALA A 27 -5.18 -0.31 -1.79
N TRP A 28 -4.71 -0.52 -0.57
CA TRP A 28 -5.54 -0.38 0.61
C TRP A 28 -5.81 1.08 0.91
N ASN A 29 -4.94 1.97 0.44
CA ASN A 29 -5.15 3.39 0.61
C ASN A 29 -6.42 3.80 -0.10
N VAL A 30 -7.08 4.79 0.44
CA VAL A 30 -8.37 5.18 -0.08
C VAL A 30 -8.16 6.19 -1.19
N CYS A 31 -8.20 5.70 -2.43
CA CYS A 31 -7.89 6.51 -3.57
C CYS A 31 -9.08 6.59 -4.53
N VAL A 32 -9.39 7.81 -4.95
CA VAL A 32 -10.47 8.06 -5.90
C VAL A 32 -9.98 9.04 -6.95
N TYR A 33 -10.76 9.26 -7.99
CA TYR A 33 -10.36 10.16 -9.05
C TYR A 33 -10.92 11.55 -8.83
N ARG A 34 -10.10 12.39 -8.24
CA ARG A 34 -10.47 13.75 -7.91
C ARG A 34 -10.10 14.67 -9.06
N ASN A 35 -11.13 15.15 -9.77
CA ASN A 35 -10.97 16.01 -10.95
C ASN A 35 -9.93 15.45 -11.93
N GLY A 36 -9.96 14.14 -12.12
CA GLY A 36 -9.07 13.50 -13.07
C GLY A 36 -7.80 12.95 -12.45
N VAL A 37 -7.47 13.45 -11.26
CA VAL A 37 -6.25 13.04 -10.59
C VAL A 37 -6.55 12.02 -9.50
N ARG A 38 -5.79 10.96 -9.49
CA ARG A 38 -5.97 9.89 -8.52
C ARG A 38 -5.50 10.34 -7.14
N VAL A 39 -6.45 10.62 -6.28
CA VAL A 39 -6.17 11.17 -4.95
C VAL A 39 -6.36 10.10 -3.88
N CYS A 40 -5.45 10.04 -2.93
CA CYS A 40 -5.54 9.05 -1.88
C CYS A 40 -5.45 9.70 -0.51
N HIS A 41 -6.26 9.20 0.41
CA HIS A 41 -6.15 9.61 1.81
C HIS A 41 -5.88 8.39 2.67
N ARG A 42 -5.42 8.65 3.89
CA ARG A 42 -5.02 7.58 4.79
C ARG A 42 -6.20 6.70 5.14
N ARG A 43 -6.00 5.39 5.00
CA ARG A 43 -7.07 4.43 5.25
C ARG A 43 -7.27 4.26 6.74
N ALA A 44 -8.52 4.23 7.16
CA ALA A 44 -8.86 4.00 8.56
C ALA A 44 -8.69 2.52 8.90
N ASN A 45 -7.54 2.19 9.45
CA ASN A 45 -7.24 0.80 9.79
C ASN A 45 -6.82 0.70 11.25
N ARG A 1 29.13 -3.11 3.69
CA ARG A 1 29.37 -1.66 3.53
C ARG A 1 28.49 -0.88 4.50
N VAL A 2 28.97 -0.68 5.72
CA VAL A 2 28.22 -0.02 6.78
C VAL A 2 26.97 -0.83 7.13
N GLN A 3 27.12 -1.74 8.10
CA GLN A 3 26.04 -2.61 8.49
C GLN A 3 25.30 -2.03 9.69
N GLY A 4 24.10 -1.55 9.45
CA GLY A 4 23.28 -1.00 10.51
C GLY A 4 22.14 -1.93 10.87
N ARG A 5 21.75 -2.75 9.89
CA ARG A 5 20.63 -3.68 10.05
C ARG A 5 20.94 -4.83 11.00
N TRP A 6 22.02 -4.70 11.76
CA TRP A 6 22.38 -5.71 12.73
C TRP A 6 21.91 -5.30 14.12
N LYS A 7 22.21 -4.05 14.49
CA LYS A 7 21.78 -3.52 15.78
C LYS A 7 20.42 -2.87 15.65
N VAL A 8 20.18 -2.23 14.50
CA VAL A 8 18.89 -1.61 14.22
C VAL A 8 17.85 -2.70 13.91
N ARG A 9 18.34 -3.93 13.77
CA ARG A 9 17.49 -5.09 13.53
C ARG A 9 16.46 -5.25 14.65
N ALA A 10 16.90 -5.00 15.89
CA ALA A 10 16.03 -5.11 17.05
C ALA A 10 14.98 -3.99 17.07
N SER A 11 15.27 -2.90 16.38
CA SER A 11 14.35 -1.77 16.33
C SER A 11 13.13 -2.09 15.47
N PHE A 12 13.27 -3.08 14.59
CA PHE A 12 12.17 -3.49 13.72
C PHE A 12 11.07 -4.20 14.52
N PHE A 13 11.41 -4.64 15.72
CA PHE A 13 10.41 -5.23 16.61
C PHE A 13 9.41 -4.18 17.04
N LYS A 14 9.86 -2.94 17.07
CA LYS A 14 9.00 -1.81 17.38
C LYS A 14 8.13 -1.47 16.18
N GLU A 15 8.70 -1.62 15.00
CA GLU A 15 7.99 -1.36 13.75
C GLU A 15 7.03 -2.50 13.44
N ALA A 16 7.33 -3.68 13.99
CA ALA A 16 6.46 -4.83 13.87
C ALA A 16 5.21 -4.63 14.72
N ALA A 17 5.37 -3.89 15.81
CA ALA A 17 4.25 -3.54 16.68
C ALA A 17 3.62 -2.22 16.23
N ALA A 18 4.15 -1.68 15.14
CA ALA A 18 3.64 -0.44 14.58
C ALA A 18 2.80 -0.70 13.34
N LYS A 19 2.46 -1.97 13.14
CA LYS A 19 1.69 -2.38 11.97
C LYS A 19 0.22 -1.98 12.11
N GLU A 20 -0.11 -1.33 13.22
CA GLU A 20 -1.45 -0.78 13.42
C GLU A 20 -1.71 0.34 12.42
N ALA A 21 -0.65 0.83 11.80
CA ALA A 21 -0.75 1.86 10.78
C ALA A 21 -1.45 1.33 9.53
N ALA A 22 -1.63 0.02 9.46
CA ALA A 22 -2.27 -0.62 8.33
C ALA A 22 -3.67 -0.04 8.09
N ALA A 23 -4.47 0.01 9.15
CA ALA A 23 -5.82 0.53 9.06
C ALA A 23 -5.83 2.05 8.97
N LYS A 24 -4.69 2.66 9.23
CA LYS A 24 -4.57 4.12 9.17
C LYS A 24 -4.26 4.54 7.73
N GLY A 25 -3.20 3.97 7.17
CA GLY A 25 -2.85 4.27 5.80
C GLY A 25 -1.58 3.55 5.37
N PHE A 26 -1.40 2.33 5.85
CA PHE A 26 -0.23 1.53 5.48
C PHE A 26 -0.67 0.23 4.81
N ALA A 27 -1.97 0.10 4.65
CA ALA A 27 -2.56 -1.04 3.98
C ALA A 27 -3.83 -0.60 3.28
N TRP A 28 -3.77 -0.57 1.95
CA TRP A 28 -4.84 -0.06 1.12
C TRP A 28 -5.02 1.43 1.30
N ASN A 29 -4.58 2.16 0.32
CA ASN A 29 -4.79 3.60 0.28
C ASN A 29 -6.12 3.87 -0.40
N VAL A 30 -6.82 4.88 0.07
CA VAL A 30 -8.13 5.19 -0.49
C VAL A 30 -7.95 6.12 -1.66
N CYS A 31 -7.96 5.56 -2.85
CA CYS A 31 -7.76 6.32 -4.06
C CYS A 31 -9.08 6.61 -4.76
N VAL A 32 -9.29 7.86 -5.10
CA VAL A 32 -10.47 8.29 -5.84
C VAL A 32 -10.06 9.29 -6.89
N TYR A 33 -10.84 9.36 -7.96
CA TYR A 33 -10.49 10.24 -9.06
C TYR A 33 -11.09 11.61 -8.82
N ARG A 34 -10.33 12.41 -8.11
CA ARG A 34 -10.75 13.72 -7.69
C ARG A 34 -10.07 14.77 -8.58
N ASN A 35 -10.88 15.50 -9.35
CA ASN A 35 -10.39 16.41 -10.39
C ASN A 35 -9.72 15.62 -11.50
N GLY A 36 -10.08 14.35 -11.60
CA GLY A 36 -9.45 13.48 -12.57
C GLY A 36 -8.13 12.92 -12.06
N VAL A 37 -7.74 13.32 -10.86
CA VAL A 37 -6.50 12.85 -10.27
C VAL A 37 -6.78 11.71 -9.31
N ARG A 38 -5.97 10.69 -9.37
CA ARG A 38 -6.13 9.54 -8.49
C ARG A 38 -5.57 9.87 -7.10
N VAL A 39 -6.45 10.40 -6.27
CA VAL A 39 -6.07 10.88 -4.95
C VAL A 39 -6.16 9.75 -3.94
N CYS A 40 -5.03 9.42 -3.38
CA CYS A 40 -4.95 8.36 -2.40
C CYS A 40 -4.81 8.96 -1.01
N HIS A 41 -5.79 8.72 -0.17
CA HIS A 41 -5.80 9.29 1.18
C HIS A 41 -5.85 8.20 2.24
N ARG A 42 -5.62 8.60 3.47
CA ARG A 42 -5.65 7.70 4.61
C ARG A 42 -7.03 7.07 4.77
N ARG A 43 -7.07 5.92 5.41
CA ARG A 43 -8.28 5.17 5.59
C ARG A 43 -9.08 5.69 6.78
N ALA A 44 -10.31 6.11 6.50
CA ALA A 44 -11.20 6.60 7.54
C ALA A 44 -12.64 6.34 7.17
N ASN A 45 -12.89 5.19 6.55
CA ASN A 45 -14.24 4.81 6.13
C ASN A 45 -15.06 4.37 7.34
N ARG A 1 5.95 -25.90 23.80
CA ARG A 1 6.83 -26.35 24.90
C ARG A 1 6.66 -25.45 26.12
N VAL A 2 6.55 -26.07 27.30
CA VAL A 2 6.34 -25.35 28.56
C VAL A 2 4.95 -24.74 28.63
N GLN A 3 4.71 -23.73 27.82
CA GLN A 3 3.44 -23.04 27.81
C GLN A 3 2.69 -23.28 26.50
N GLY A 4 1.52 -23.89 26.60
CA GLY A 4 0.73 -24.17 25.42
C GLY A 4 -0.09 -22.98 24.99
N ARG A 5 -0.20 -21.98 25.86
CA ARG A 5 -0.97 -20.78 25.55
C ARG A 5 -0.21 -19.86 24.59
N TRP A 6 1.04 -20.22 24.29
CA TRP A 6 1.84 -19.45 23.36
C TRP A 6 1.18 -19.45 21.99
N LYS A 7 0.59 -20.58 21.62
CA LYS A 7 -0.06 -20.73 20.33
C LYS A 7 -1.25 -19.78 20.21
N VAL A 8 -1.78 -19.37 21.35
CA VAL A 8 -2.88 -18.42 21.40
C VAL A 8 -2.37 -17.01 21.11
N ARG A 9 -1.34 -16.58 21.83
CA ARG A 9 -0.79 -15.24 21.66
C ARG A 9 -0.15 -15.10 20.28
N ALA A 10 0.36 -16.22 19.75
CA ALA A 10 0.99 -16.23 18.44
C ALA A 10 -0.04 -15.93 17.35
N SER A 11 -1.29 -16.26 17.63
CA SER A 11 -2.37 -15.99 16.69
C SER A 11 -2.66 -14.49 16.64
N PHE A 12 -2.62 -13.85 17.81
CA PHE A 12 -2.83 -12.41 17.91
C PHE A 12 -1.65 -11.66 17.31
N PHE A 13 -0.45 -12.05 17.71
CA PHE A 13 0.77 -11.40 17.25
C PHE A 13 0.91 -11.52 15.73
N LYS A 14 0.37 -12.61 15.17
CA LYS A 14 0.43 -12.84 13.74
C LYS A 14 -0.29 -11.72 12.99
N GLU A 15 -1.43 -11.29 13.54
CA GLU A 15 -2.21 -10.22 12.94
C GLU A 15 -1.65 -8.86 13.32
N ALA A 16 -1.14 -8.75 14.54
CA ALA A 16 -0.58 -7.50 15.03
C ALA A 16 0.69 -7.14 14.28
N ALA A 17 1.48 -8.15 13.93
CA ALA A 17 2.74 -7.95 13.24
C ALA A 17 2.54 -7.57 11.77
N ALA A 18 1.31 -7.58 11.31
CA ALA A 18 1.00 -7.24 9.93
C ALA A 18 1.07 -5.73 9.72
N LYS A 19 1.19 -4.99 10.82
CA LYS A 19 1.25 -3.53 10.78
C LYS A 19 2.49 -3.06 10.03
N GLU A 20 3.55 -3.86 10.06
CA GLU A 20 4.80 -3.50 9.37
C GLU A 20 4.58 -3.42 7.87
N ALA A 21 3.61 -4.18 7.36
CA ALA A 21 3.30 -4.18 5.94
C ALA A 21 2.55 -2.91 5.57
N ALA A 22 1.62 -2.52 6.43
CA ALA A 22 0.83 -1.31 6.24
C ALA A 22 1.73 -0.08 6.12
N ALA A 23 2.79 -0.06 6.90
CA ALA A 23 3.73 1.05 6.89
C ALA A 23 4.53 1.12 5.58
N LYS A 24 4.51 0.04 4.83
CA LYS A 24 5.23 -0.02 3.55
C LYS A 24 4.27 0.18 2.38
N GLY A 25 3.51 1.27 2.43
CA GLY A 25 2.61 1.62 1.36
C GLY A 25 1.44 0.66 1.23
N PHE A 26 1.05 0.07 2.34
CA PHE A 26 -0.09 -0.82 2.37
C PHE A 26 -1.13 -0.29 3.34
N ALA A 27 -1.07 1.02 3.56
CA ALA A 27 -1.98 1.68 4.49
C ALA A 27 -3.29 2.04 3.82
N TRP A 28 -3.89 1.02 3.20
CA TRP A 28 -5.25 1.06 2.66
C TRP A 28 -5.58 2.38 1.99
N ASN A 29 -4.79 2.75 0.99
CA ASN A 29 -5.02 3.99 0.26
C ASN A 29 -6.36 3.96 -0.45
N VAL A 30 -7.19 4.94 -0.13
CA VAL A 30 -8.45 5.12 -0.82
C VAL A 30 -8.22 6.02 -2.01
N CYS A 31 -8.07 5.40 -3.16
CA CYS A 31 -7.74 6.13 -4.37
C CYS A 31 -8.94 6.35 -5.26
N VAL A 32 -9.24 7.61 -5.53
CA VAL A 32 -10.32 7.99 -6.43
C VAL A 32 -9.90 9.18 -7.27
N TYR A 33 -10.49 9.30 -8.44
CA TYR A 33 -10.11 10.38 -9.35
C TYR A 33 -10.91 11.63 -9.06
N ARG A 34 -10.37 12.46 -8.17
CA ARG A 34 -10.96 13.74 -7.86
C ARG A 34 -10.31 14.81 -8.71
N ASN A 35 -11.12 15.54 -9.47
CA ASN A 35 -10.63 16.53 -10.44
C ASN A 35 -9.86 15.83 -11.56
N GLY A 36 -10.10 14.54 -11.70
CA GLY A 36 -9.42 13.77 -12.73
C GLY A 36 -8.13 13.15 -12.23
N VAL A 37 -7.69 13.52 -11.04
CA VAL A 37 -6.45 12.97 -10.52
C VAL A 37 -6.73 11.95 -9.44
N ARG A 38 -6.03 10.83 -9.53
CA ARG A 38 -6.21 9.72 -8.61
C ARG A 38 -5.63 10.09 -7.24
N VAL A 39 -6.49 10.61 -6.40
CA VAL A 39 -6.12 11.05 -5.07
C VAL A 39 -6.23 9.88 -4.10
N CYS A 40 -5.31 9.80 -3.16
CA CYS A 40 -5.28 8.69 -2.24
C CYS A 40 -5.14 9.18 -0.80
N HIS A 41 -5.90 8.55 0.10
CA HIS A 41 -5.78 8.82 1.52
C HIS A 41 -5.76 7.51 2.28
N ARG A 42 -5.19 7.56 3.48
CA ARG A 42 -5.01 6.35 4.26
C ARG A 42 -6.14 6.18 5.27
N ARG A 43 -6.63 4.95 5.39
CA ARG A 43 -7.72 4.65 6.31
C ARG A 43 -7.24 4.73 7.74
N ALA A 44 -8.12 5.18 8.61
CA ALA A 44 -7.79 5.35 10.01
C ALA A 44 -8.14 4.09 10.80
N ASN A 45 -7.37 3.04 10.57
CA ASN A 45 -7.57 1.79 11.28
C ASN A 45 -6.24 1.14 11.62
N ARG A 1 -3.12 -24.37 -0.92
CA ARG A 1 -2.25 -24.68 0.24
C ARG A 1 -3.04 -24.63 1.54
N VAL A 2 -3.86 -23.59 1.71
CA VAL A 2 -4.68 -23.48 2.90
C VAL A 2 -5.74 -24.58 2.94
N GLN A 3 -5.85 -25.24 4.08
CA GLN A 3 -6.82 -26.32 4.24
C GLN A 3 -7.95 -25.89 5.17
N GLY A 4 -8.92 -26.77 5.39
CA GLY A 4 -10.04 -26.45 6.25
C GLY A 4 -9.61 -26.13 7.68
N ARG A 5 -8.77 -27.00 8.23
CA ARG A 5 -8.24 -26.83 9.57
C ARG A 5 -7.47 -25.51 9.68
N TRP A 6 -6.79 -25.15 8.61
CA TRP A 6 -5.97 -23.95 8.58
C TRP A 6 -6.84 -22.71 8.36
N LYS A 7 -7.97 -22.89 7.69
CA LYS A 7 -8.83 -21.78 7.33
C LYS A 7 -9.41 -21.11 8.57
N VAL A 8 -9.41 -21.84 9.69
CA VAL A 8 -9.82 -21.26 10.96
C VAL A 8 -8.88 -20.13 11.34
N ARG A 9 -7.60 -20.32 11.06
CA ARG A 9 -6.59 -19.31 11.34
C ARG A 9 -6.59 -18.26 10.23
N ALA A 10 -7.06 -18.67 9.05
CA ALA A 10 -7.13 -17.79 7.90
C ALA A 10 -8.43 -16.98 7.89
N SER A 11 -9.26 -17.20 8.90
CA SER A 11 -10.49 -16.42 9.07
C SER A 11 -10.39 -15.55 10.32
N PHE A 12 -9.82 -16.11 11.37
CA PHE A 12 -9.56 -15.35 12.59
C PHE A 12 -8.20 -14.66 12.51
N PHE A 13 -7.69 -14.56 11.28
CA PHE A 13 -6.39 -13.91 11.04
C PHE A 13 -6.44 -12.46 11.47
N LYS A 14 -7.63 -11.88 11.43
CA LYS A 14 -7.84 -10.49 11.83
C LYS A 14 -7.43 -10.28 13.28
N GLU A 15 -7.56 -11.34 14.06
CA GLU A 15 -7.20 -11.31 15.47
C GLU A 15 -5.75 -11.76 15.66
N ALA A 16 -5.37 -12.83 14.98
CA ALA A 16 -4.09 -13.47 15.21
C ALA A 16 -2.96 -12.84 14.40
N ALA A 17 -2.97 -13.04 13.10
CA ALA A 17 -1.84 -12.66 12.25
C ALA A 17 -2.06 -11.34 11.51
N ALA A 18 -3.02 -10.56 11.98
CA ALA A 18 -3.38 -9.31 11.29
C ALA A 18 -2.22 -8.33 11.22
N LYS A 19 -1.26 -8.49 12.12
CA LYS A 19 -0.09 -7.62 12.18
C LYS A 19 0.80 -7.78 10.94
N GLU A 20 0.41 -8.68 10.03
CA GLU A 20 1.13 -8.88 8.77
C GLU A 20 0.96 -7.69 7.84
N ALA A 21 -0.04 -6.86 8.12
CA ALA A 21 -0.30 -5.69 7.31
C ALA A 21 0.83 -4.68 7.45
N ALA A 22 1.31 -4.49 8.67
CA ALA A 22 2.39 -3.56 8.95
C ALA A 22 3.74 -4.08 8.45
N ALA A 23 3.73 -5.29 7.91
CA ALA A 23 4.93 -5.88 7.35
C ALA A 23 4.99 -5.64 5.84
N LYS A 24 3.96 -4.97 5.32
CA LYS A 24 3.87 -4.69 3.90
C LYS A 24 2.71 -3.72 3.60
N GLY A 25 2.75 -2.56 4.24
CA GLY A 25 1.76 -1.54 3.96
C GLY A 25 0.54 -1.63 4.87
N PHE A 26 0.59 -0.96 6.00
CA PHE A 26 -0.55 -0.91 6.93
C PHE A 26 -1.38 0.35 6.69
N ALA A 27 -1.11 0.97 5.56
CA ALA A 27 -1.77 2.22 5.20
C ALA A 27 -2.43 2.08 3.84
N TRP A 28 -3.45 1.24 3.80
CA TRP A 28 -4.21 1.01 2.58
C TRP A 28 -4.71 2.33 2.01
N ASN A 29 -4.63 2.47 0.69
CA ASN A 29 -5.02 3.71 0.05
C ASN A 29 -6.49 3.71 -0.32
N VAL A 30 -7.18 4.77 0.06
CA VAL A 30 -8.53 5.03 -0.40
C VAL A 30 -8.44 6.07 -1.50
N CYS A 31 -8.48 5.61 -2.73
CA CYS A 31 -8.23 6.48 -3.87
C CYS A 31 -9.51 6.82 -4.62
N VAL A 32 -9.68 8.11 -4.93
CA VAL A 32 -10.81 8.55 -5.73
C VAL A 32 -10.32 9.55 -6.75
N TYR A 33 -11.11 9.78 -7.79
CA TYR A 33 -10.67 10.64 -8.87
C TYR A 33 -11.24 12.04 -8.72
N ARG A 34 -10.35 12.97 -8.40
CA ARG A 34 -10.69 14.37 -8.30
C ARG A 34 -9.99 15.13 -9.41
N ASN A 35 -10.79 15.70 -10.32
CA ASN A 35 -10.25 16.43 -11.47
C ASN A 35 -9.44 15.48 -12.35
N GLY A 36 -9.85 14.22 -12.37
CA GLY A 36 -9.17 13.22 -13.17
C GLY A 36 -7.95 12.66 -12.48
N VAL A 37 -7.56 13.26 -11.36
CA VAL A 37 -6.39 12.82 -10.62
C VAL A 37 -6.79 11.91 -9.46
N ARG A 38 -6.04 10.83 -9.30
CA ARG A 38 -6.35 9.82 -8.30
C ARG A 38 -5.75 10.21 -6.94
N VAL A 39 -6.60 10.73 -6.07
CA VAL A 39 -6.19 11.10 -4.74
C VAL A 39 -6.31 9.92 -3.81
N CYS A 40 -5.38 9.78 -2.89
CA CYS A 40 -5.37 8.63 -2.01
C CYS A 40 -5.16 9.04 -0.56
N HIS A 41 -6.08 8.62 0.30
CA HIS A 41 -5.93 8.86 1.73
C HIS A 41 -5.82 7.55 2.48
N ARG A 42 -5.32 7.64 3.70
CA ARG A 42 -5.01 6.45 4.50
C ARG A 42 -6.26 5.82 5.08
N ARG A 43 -6.51 4.57 4.69
CA ARG A 43 -7.63 3.82 5.19
C ARG A 43 -7.40 3.47 6.65
N ALA A 44 -8.37 3.77 7.48
CA ALA A 44 -8.26 3.52 8.92
C ALA A 44 -9.34 2.58 9.39
N ASN A 45 -10.16 2.12 8.44
CA ASN A 45 -11.25 1.19 8.70
C ASN A 45 -12.16 1.72 9.80
N ARG A 1 -1.88 -19.15 20.05
CA ARG A 1 -0.79 -19.77 19.27
C ARG A 1 0.43 -18.85 19.26
N VAL A 2 1.57 -19.35 19.70
CA VAL A 2 2.76 -18.53 19.79
C VAL A 2 3.66 -18.73 18.56
N GLN A 3 3.83 -17.64 17.81
CA GLN A 3 4.73 -17.64 16.67
C GLN A 3 5.70 -16.48 16.80
N GLY A 4 6.78 -16.54 16.04
CA GLY A 4 7.80 -15.50 16.09
C GLY A 4 7.50 -14.37 15.14
N ARG A 5 6.22 -14.16 14.86
CA ARG A 5 5.77 -13.17 13.88
C ARG A 5 6.43 -11.80 14.07
N TRP A 6 6.63 -11.41 15.32
CA TRP A 6 7.19 -10.10 15.61
C TRP A 6 8.71 -10.14 15.54
N LYS A 7 9.27 -11.24 16.03
CA LYS A 7 10.72 -11.39 16.10
C LYS A 7 11.32 -11.53 14.70
N VAL A 8 10.62 -12.23 13.82
CA VAL A 8 11.08 -12.43 12.45
C VAL A 8 11.09 -11.10 11.70
N ARG A 9 10.14 -10.23 12.03
CA ARG A 9 10.08 -8.90 11.42
C ARG A 9 10.99 -7.94 12.17
N ALA A 10 11.55 -8.39 13.28
CA ALA A 10 12.51 -7.62 14.04
C ALA A 10 13.92 -7.89 13.53
N SER A 11 14.17 -9.13 13.14
CA SER A 11 15.44 -9.52 12.56
C SER A 11 15.55 -8.97 11.14
N PHE A 12 14.42 -8.91 10.46
CA PHE A 12 14.37 -8.42 9.08
C PHE A 12 13.83 -7.01 9.03
N PHE A 13 13.86 -6.32 10.18
CA PHE A 13 13.35 -4.96 10.29
C PHE A 13 14.14 -3.99 9.41
N LYS A 14 15.34 -4.40 9.07
CA LYS A 14 16.20 -3.62 8.18
C LYS A 14 15.57 -3.51 6.79
N GLU A 15 14.98 -4.60 6.33
CA GLU A 15 14.32 -4.61 5.03
C GLU A 15 12.85 -4.21 5.18
N ALA A 16 12.33 -4.36 6.38
CA ALA A 16 10.94 -3.99 6.67
C ALA A 16 10.78 -2.48 6.78
N ALA A 17 11.92 -1.78 6.76
CA ALA A 17 11.91 -0.32 6.85
C ALA A 17 11.28 0.30 5.63
N ALA A 18 11.59 -0.25 4.46
CA ALA A 18 11.01 0.22 3.21
C ALA A 18 9.59 -0.30 3.06
N LYS A 19 9.23 -1.26 3.91
CA LYS A 19 7.91 -1.86 3.88
C LYS A 19 7.03 -1.28 4.99
N GLU A 20 7.48 -0.22 5.64
CA GLU A 20 6.78 0.33 6.80
C GLU A 20 5.33 0.73 6.46
N ALA A 21 5.14 1.37 5.32
CA ALA A 21 3.81 1.79 4.91
C ALA A 21 2.98 0.58 4.51
N ALA A 22 3.63 -0.40 3.91
CA ALA A 22 2.96 -1.61 3.44
C ALA A 22 2.52 -2.47 4.62
N ALA A 23 3.37 -2.57 5.62
CA ALA A 23 3.06 -3.33 6.83
C ALA A 23 1.87 -2.72 7.56
N LYS A 24 1.73 -1.41 7.45
CA LYS A 24 0.63 -0.70 8.09
C LYS A 24 -0.55 -0.53 7.13
N GLY A 25 -0.47 -1.19 5.98
CA GLY A 25 -1.56 -1.16 5.02
C GLY A 25 -1.36 -0.10 3.95
N PHE A 26 -0.48 -0.38 3.00
CA PHE A 26 -0.24 0.55 1.90
C PHE A 26 -1.13 0.20 0.72
N ALA A 27 -1.44 -1.09 0.60
CA ALA A 27 -2.32 -1.58 -0.45
C ALA A 27 -3.78 -1.41 -0.04
N TRP A 28 -3.99 -0.49 0.90
CA TRP A 28 -5.30 -0.22 1.43
C TRP A 28 -5.64 1.26 1.32
N ASN A 29 -4.74 2.04 0.71
CA ASN A 29 -4.96 3.48 0.57
C ASN A 29 -6.20 3.74 -0.28
N VAL A 30 -6.92 4.79 0.06
CA VAL A 30 -8.16 5.09 -0.62
C VAL A 30 -7.87 5.96 -1.83
N CYS A 31 -7.81 5.34 -2.99
CA CYS A 31 -7.51 6.04 -4.22
C CYS A 31 -8.75 6.20 -5.10
N VAL A 32 -9.08 7.45 -5.39
CA VAL A 32 -10.21 7.79 -6.24
C VAL A 32 -9.79 8.89 -7.20
N TYR A 33 -10.60 9.16 -8.22
CA TYR A 33 -10.25 10.18 -9.19
C TYR A 33 -10.90 11.50 -8.81
N ARG A 34 -10.17 12.27 -8.01
CA ARG A 34 -10.67 13.53 -7.48
C ARG A 34 -10.21 14.67 -8.36
N ASN A 35 -11.16 15.38 -8.96
CA ASN A 35 -10.88 16.46 -9.92
C ASN A 35 -10.18 15.91 -11.14
N GLY A 36 -10.30 14.60 -11.34
CA GLY A 36 -9.65 13.97 -12.47
C GLY A 36 -8.35 13.29 -12.09
N VAL A 37 -7.76 13.65 -10.96
CA VAL A 37 -6.48 13.07 -10.57
C VAL A 37 -6.68 11.96 -9.55
N ARG A 38 -5.87 10.92 -9.68
CA ARG A 38 -5.94 9.78 -8.81
C ARG A 38 -5.38 10.13 -7.43
N VAL A 39 -6.27 10.33 -6.49
CA VAL A 39 -5.90 10.76 -5.16
C VAL A 39 -6.01 9.61 -4.17
N CYS A 40 -4.95 9.39 -3.42
CA CYS A 40 -4.93 8.35 -2.42
C CYS A 40 -4.77 8.97 -1.04
N HIS A 41 -5.75 8.74 -0.19
CA HIS A 41 -5.74 9.32 1.14
C HIS A 41 -5.78 8.26 2.22
N ARG A 42 -5.53 8.68 3.45
CA ARG A 42 -5.55 7.82 4.61
C ARG A 42 -6.96 7.29 4.87
N ARG A 43 -7.04 6.24 5.65
CA ARG A 43 -8.29 5.55 5.88
C ARG A 43 -8.91 5.94 7.21
N ALA A 44 -10.20 5.72 7.31
CA ALA A 44 -10.91 5.83 8.58
C ALA A 44 -11.23 4.43 9.09
N ASN A 45 -10.45 3.46 8.63
CA ASN A 45 -10.67 2.06 8.98
C ASN A 45 -9.77 1.66 10.14
N ARG A 1 17.93 -8.57 4.50
CA ARG A 1 17.51 -7.53 3.55
C ARG A 1 17.93 -6.16 4.02
N VAL A 2 18.59 -5.40 3.15
CA VAL A 2 19.00 -4.05 3.46
C VAL A 2 17.92 -3.07 3.03
N GLN A 3 18.03 -1.83 3.46
CA GLN A 3 17.04 -0.82 3.13
C GLN A 3 17.33 -0.24 1.75
N GLY A 4 16.48 -0.59 0.80
CA GLY A 4 16.71 -0.20 -0.58
C GLY A 4 15.96 1.06 -0.97
N ARG A 5 15.43 1.78 0.02
CA ARG A 5 14.68 3.01 -0.20
C ARG A 5 15.39 3.94 -1.17
N TRP A 6 16.60 4.35 -0.80
CA TRP A 6 17.38 5.26 -1.62
C TRP A 6 18.13 4.51 -2.72
N LYS A 7 18.23 3.20 -2.55
CA LYS A 7 18.98 2.36 -3.48
C LYS A 7 18.18 2.15 -4.76
N VAL A 8 16.89 1.88 -4.62
CA VAL A 8 16.01 1.66 -5.77
C VAL A 8 15.73 2.97 -6.48
N ARG A 9 16.14 4.07 -5.87
CA ARG A 9 15.98 5.37 -6.49
C ARG A 9 17.31 5.84 -7.08
N ALA A 10 18.32 4.98 -6.99
CA ALA A 10 19.62 5.29 -7.54
C ALA A 10 19.92 4.41 -8.75
N SER A 11 19.96 3.10 -8.53
CA SER A 11 20.30 2.17 -9.60
C SER A 11 19.05 1.64 -10.29
N PHE A 12 17.99 1.50 -9.52
CA PHE A 12 16.74 0.96 -10.03
C PHE A 12 15.73 2.07 -10.28
N PHE A 13 16.23 3.31 -10.40
CA PHE A 13 15.36 4.49 -10.53
C PHE A 13 14.38 4.32 -11.69
N LYS A 14 14.80 3.60 -12.72
CA LYS A 14 13.96 3.33 -13.88
C LYS A 14 12.75 2.46 -13.49
N GLU A 15 12.95 1.61 -12.49
CA GLU A 15 11.89 0.74 -11.98
C GLU A 15 11.14 1.43 -10.85
N ALA A 16 11.79 2.43 -10.26
CA ALA A 16 11.24 3.16 -9.12
C ALA A 16 9.96 3.90 -9.49
N ALA A 17 9.67 3.98 -10.77
CA ALA A 17 8.45 4.59 -11.25
C ALA A 17 7.22 3.88 -10.66
N ALA A 18 7.37 2.59 -10.40
CA ALA A 18 6.28 1.79 -9.84
C ALA A 18 6.54 1.48 -8.37
N LYS A 19 7.60 2.06 -7.81
CA LYS A 19 7.96 1.83 -6.43
C LYS A 19 7.07 2.64 -5.50
N GLU A 20 6.25 3.50 -6.10
CA GLU A 20 5.30 4.31 -5.35
C GLU A 20 4.10 3.47 -4.94
N ALA A 21 3.97 2.30 -5.54
CA ALA A 21 2.85 1.40 -5.24
C ALA A 21 2.84 1.02 -3.77
N ALA A 22 4.01 0.68 -3.25
CA ALA A 22 4.20 0.33 -1.84
C ALA A 22 3.59 1.35 -0.90
N ALA A 23 3.56 2.61 -1.30
CA ALA A 23 3.05 3.68 -0.46
C ALA A 23 1.62 4.04 -0.82
N LYS A 24 1.12 3.49 -1.93
CA LYS A 24 -0.22 3.81 -2.38
C LYS A 24 -1.10 2.57 -2.43
N GLY A 25 -1.05 1.83 -3.55
CA GLY A 25 -1.93 0.69 -3.73
C GLY A 25 -1.39 -0.58 -3.12
N PHE A 26 -0.47 -0.41 -2.19
CA PHE A 26 0.07 -1.53 -1.43
C PHE A 26 -0.44 -1.44 0.00
N ALA A 27 -1.06 -0.33 0.32
CA ALA A 27 -1.57 -0.07 1.65
C ALA A 27 -3.05 0.27 1.60
N TRP A 28 -3.62 0.65 2.73
CA TRP A 28 -5.05 0.92 2.82
C TRP A 28 -5.38 2.35 2.40
N ASN A 29 -4.88 2.72 1.24
CA ASN A 29 -5.15 4.04 0.69
C ASN A 29 -6.38 3.99 -0.20
N VAL A 30 -7.26 4.94 0.02
CA VAL A 30 -8.49 5.08 -0.74
C VAL A 30 -8.23 5.96 -1.94
N CYS A 31 -8.04 5.33 -3.09
CA CYS A 31 -7.74 6.05 -4.31
C CYS A 31 -8.98 6.26 -5.16
N VAL A 32 -9.30 7.52 -5.42
CA VAL A 32 -10.42 7.90 -6.27
C VAL A 32 -9.99 9.01 -7.20
N TYR A 33 -10.84 9.36 -8.15
CA TYR A 33 -10.47 10.38 -9.13
C TYR A 33 -11.16 11.69 -8.83
N ARG A 34 -10.41 12.62 -8.23
CA ARG A 34 -10.92 13.95 -7.96
C ARG A 34 -10.38 14.92 -8.99
N ASN A 35 -11.30 15.58 -9.69
CA ASN A 35 -10.99 16.53 -10.77
C ASN A 35 -9.90 16.01 -11.71
N GLY A 36 -9.91 14.70 -11.95
CA GLY A 36 -9.01 14.12 -12.93
C GLY A 36 -7.82 13.41 -12.32
N VAL A 37 -7.47 13.73 -11.09
CA VAL A 37 -6.29 13.14 -10.46
C VAL A 37 -6.68 11.99 -9.53
N ARG A 38 -5.88 10.94 -9.58
CA ARG A 38 -6.10 9.78 -8.75
C ARG A 38 -5.57 10.06 -7.35
N VAL A 39 -6.46 10.52 -6.49
CA VAL A 39 -6.13 10.93 -5.15
C VAL A 39 -6.26 9.76 -4.18
N CYS A 40 -5.35 9.66 -3.23
CA CYS A 40 -5.38 8.57 -2.28
C CYS A 40 -5.13 9.06 -0.85
N HIS A 41 -5.96 8.58 0.06
CA HIS A 41 -5.75 8.83 1.48
C HIS A 41 -5.81 7.52 2.24
N ARG A 42 -5.08 7.43 3.32
CA ARG A 42 -4.96 6.18 4.05
C ARG A 42 -6.05 6.06 5.10
N ARG A 43 -6.58 4.85 5.27
CA ARG A 43 -7.58 4.59 6.27
C ARG A 43 -6.95 4.57 7.66
N ALA A 44 -7.70 5.01 8.64
CA ALA A 44 -7.23 5.09 10.00
C ALA A 44 -7.71 3.88 10.79
N ASN A 45 -6.78 3.03 11.17
CA ASN A 45 -7.07 1.83 11.94
C ASN A 45 -7.60 2.20 13.32
N ARG A 1 -10.39 -28.22 -9.99
CA ARG A 1 -9.61 -29.47 -9.93
C ARG A 1 -8.12 -29.17 -10.04
N VAL A 2 -7.36 -29.59 -9.03
CA VAL A 2 -5.92 -29.39 -8.99
C VAL A 2 -5.29 -30.44 -8.09
N GLN A 3 -4.06 -30.84 -8.40
CA GLN A 3 -3.37 -31.80 -7.57
C GLN A 3 -2.54 -31.08 -6.51
N GLY A 4 -2.88 -31.31 -5.26
CA GLY A 4 -2.29 -30.59 -4.15
C GLY A 4 -0.77 -30.73 -4.07
N ARG A 5 -0.25 -31.88 -4.51
CA ARG A 5 1.18 -32.12 -4.47
C ARG A 5 1.95 -31.11 -5.32
N TRP A 6 1.32 -30.65 -6.39
CA TRP A 6 1.99 -29.76 -7.33
C TRP A 6 1.54 -28.32 -7.11
N LYS A 7 0.56 -28.14 -6.24
CA LYS A 7 0.05 -26.80 -5.94
C LYS A 7 1.12 -25.96 -5.27
N VAL A 8 2.16 -26.62 -4.77
CA VAL A 8 3.32 -25.93 -4.21
C VAL A 8 4.02 -25.08 -5.27
N ARG A 9 3.80 -25.42 -6.54
CA ARG A 9 4.40 -24.68 -7.65
C ARG A 9 3.48 -23.54 -8.07
N ALA A 10 2.25 -23.59 -7.60
CA ALA A 10 1.28 -22.54 -7.92
C ALA A 10 1.42 -21.37 -6.96
N SER A 11 2.13 -21.61 -5.86
CA SER A 11 2.35 -20.58 -4.85
C SER A 11 3.19 -19.44 -5.42
N PHE A 12 4.07 -19.77 -6.36
CA PHE A 12 4.93 -18.78 -7.00
C PHE A 12 4.10 -17.76 -7.76
N PHE A 13 3.07 -18.23 -8.44
CA PHE A 13 2.19 -17.35 -9.21
C PHE A 13 1.39 -16.46 -8.27
N LYS A 14 1.12 -16.97 -7.08
CA LYS A 14 0.39 -16.23 -6.08
C LYS A 14 1.29 -15.13 -5.49
N GLU A 15 2.52 -15.48 -5.21
CA GLU A 15 3.51 -14.54 -4.71
C GLU A 15 3.82 -13.49 -5.78
N ALA A 16 3.97 -13.96 -7.01
CA ALA A 16 4.24 -13.10 -8.15
C ALA A 16 3.09 -12.12 -8.39
N ALA A 17 1.86 -12.61 -8.23
CA ALA A 17 0.68 -11.77 -8.38
C ALA A 17 0.66 -10.63 -7.37
N ALA A 18 1.05 -10.95 -6.14
CA ALA A 18 1.10 -9.96 -5.08
C ALA A 18 2.28 -9.02 -5.28
N LYS A 19 3.27 -9.48 -6.01
CA LYS A 19 4.47 -8.70 -6.27
C LYS A 19 4.22 -7.65 -7.34
N GLU A 20 3.50 -8.04 -8.38
CA GLU A 20 3.17 -7.13 -9.47
C GLU A 20 2.11 -6.12 -9.05
N ALA A 21 1.26 -6.53 -8.11
CA ALA A 21 0.24 -5.64 -7.56
C ALA A 21 0.89 -4.48 -6.82
N ALA A 22 2.02 -4.75 -6.20
CA ALA A 22 2.75 -3.76 -5.42
C ALA A 22 3.46 -2.75 -6.31
N ALA A 23 3.33 -2.92 -7.61
CA ALA A 23 3.94 -2.02 -8.57
C ALA A 23 2.93 -1.01 -9.10
N LYS A 24 1.67 -1.18 -8.73
CA LYS A 24 0.61 -0.30 -9.20
C LYS A 24 -0.35 0.09 -8.08
N GLY A 25 -0.85 -0.90 -7.35
CA GLY A 25 -1.80 -0.62 -6.31
C GLY A 25 -2.00 -1.77 -5.36
N PHE A 26 -1.08 -1.92 -4.43
CA PHE A 26 -1.20 -2.94 -3.38
C PHE A 26 -1.59 -2.28 -2.07
N ALA A 27 -1.34 -0.98 -2.00
CA ALA A 27 -1.64 -0.19 -0.81
C ALA A 27 -3.15 -0.10 -0.61
N TRP A 28 -3.58 -0.29 0.63
CA TRP A 28 -4.99 -0.24 0.97
C TRP A 28 -5.47 1.19 1.18
N ASN A 29 -4.72 2.15 0.65
CA ASN A 29 -5.08 3.55 0.74
C ASN A 29 -6.35 3.83 -0.04
N VAL A 30 -6.99 4.93 0.28
CA VAL A 30 -8.20 5.35 -0.40
C VAL A 30 -7.83 6.20 -1.59
N CYS A 31 -7.80 5.59 -2.75
CA CYS A 31 -7.46 6.31 -3.96
C CYS A 31 -8.66 6.42 -4.87
N VAL A 32 -8.90 7.64 -5.29
CA VAL A 32 -10.06 7.97 -6.11
C VAL A 32 -9.68 9.04 -7.12
N TYR A 33 -10.50 9.25 -8.11
CA TYR A 33 -10.23 10.28 -9.10
C TYR A 33 -10.87 11.59 -8.69
N ARG A 34 -10.10 12.36 -7.93
CA ARG A 34 -10.55 13.64 -7.42
C ARG A 34 -10.14 14.73 -8.39
N ASN A 35 -11.14 15.37 -9.01
CA ASN A 35 -10.89 16.39 -10.02
C ASN A 35 -10.23 15.75 -11.25
N GLY A 36 -10.38 14.44 -11.36
CA GLY A 36 -9.86 13.72 -12.50
C GLY A 36 -8.55 13.00 -12.20
N VAL A 37 -7.86 13.41 -11.14
CA VAL A 37 -6.58 12.80 -10.79
C VAL A 37 -6.75 11.78 -9.68
N ARG A 38 -6.02 10.70 -9.79
CA ARG A 38 -6.14 9.59 -8.87
C ARG A 38 -5.38 9.89 -7.57
N VAL A 39 -6.13 10.35 -6.58
CA VAL A 39 -5.59 10.82 -5.32
C VAL A 39 -5.79 9.78 -4.22
N CYS A 40 -4.78 9.58 -3.38
CA CYS A 40 -4.87 8.60 -2.32
C CYS A 40 -4.80 9.27 -0.95
N HIS A 41 -5.58 8.77 -0.01
CA HIS A 41 -5.60 9.31 1.34
C HIS A 41 -5.80 8.20 2.37
N ARG A 42 -5.58 8.54 3.63
CA ARG A 42 -5.73 7.59 4.74
C ARG A 42 -7.17 7.08 4.84
N ARG A 43 -7.33 5.95 5.49
CA ARG A 43 -8.64 5.30 5.58
C ARG A 43 -9.35 5.66 6.86
N ALA A 44 -10.66 5.73 6.77
CA ALA A 44 -11.50 6.01 7.92
C ALA A 44 -12.36 4.78 8.22
N ASN A 45 -12.04 3.68 7.56
CA ASN A 45 -12.77 2.44 7.73
C ASN A 45 -12.08 1.57 8.77
N ARG A 1 23.94 -21.33 -2.57
CA ARG A 1 24.11 -22.18 -3.77
C ARG A 1 23.03 -21.88 -4.80
N VAL A 2 23.05 -22.60 -5.90
CA VAL A 2 22.06 -22.42 -6.95
C VAL A 2 20.67 -22.89 -6.48
N GLN A 3 19.75 -21.96 -6.42
CA GLN A 3 18.37 -22.25 -6.03
C GLN A 3 17.42 -21.55 -6.98
N GLY A 4 16.15 -21.92 -6.92
CA GLY A 4 15.16 -21.34 -7.80
C GLY A 4 14.64 -20.00 -7.29
N ARG A 5 15.32 -19.47 -6.28
CA ARG A 5 14.92 -18.21 -5.66
C ARG A 5 14.86 -17.07 -6.67
N TRP A 6 15.85 -17.02 -7.55
CA TRP A 6 15.91 -15.95 -8.54
C TRP A 6 15.11 -16.33 -9.78
N LYS A 7 15.01 -17.63 -10.02
CA LYS A 7 14.31 -18.14 -11.19
C LYS A 7 12.82 -17.89 -11.06
N VAL A 8 12.28 -18.11 -9.87
CA VAL A 8 10.87 -17.90 -9.61
C VAL A 8 10.50 -16.42 -9.77
N ARG A 9 11.47 -15.54 -9.50
CA ARG A 9 11.27 -14.11 -9.65
C ARG A 9 11.24 -13.75 -11.13
N ALA A 10 12.03 -14.46 -11.92
CA ALA A 10 12.13 -14.22 -13.35
C ALA A 10 11.08 -15.03 -14.11
N SER A 11 10.28 -15.80 -13.39
CA SER A 11 9.26 -16.62 -14.02
C SER A 11 7.89 -15.96 -13.90
N PHE A 12 7.53 -15.52 -12.70
CA PHE A 12 6.20 -14.98 -12.45
C PHE A 12 6.18 -13.45 -12.60
N PHE A 13 7.20 -12.91 -13.27
CA PHE A 13 7.29 -11.47 -13.46
C PHE A 13 6.12 -10.97 -14.31
N LYS A 14 5.69 -11.80 -15.24
CA LYS A 14 4.60 -11.47 -16.14
C LYS A 14 3.26 -11.58 -15.42
N GLU A 15 3.17 -12.53 -14.50
CA GLU A 15 1.96 -12.71 -13.71
C GLU A 15 1.84 -11.61 -12.67
N ALA A 16 2.98 -11.00 -12.34
CA ALA A 16 3.03 -9.90 -11.38
C ALA A 16 2.50 -8.61 -11.99
N ALA A 17 2.04 -8.68 -13.24
CA ALA A 17 1.50 -7.51 -13.92
C ALA A 17 0.10 -7.18 -13.41
N ALA A 18 -0.35 -7.92 -12.42
CA ALA A 18 -1.63 -7.65 -11.77
C ALA A 18 -1.47 -6.56 -10.72
N LYS A 19 -0.29 -5.96 -10.69
CA LYS A 19 0.02 -4.88 -9.76
C LYS A 19 -0.80 -3.64 -10.10
N GLU A 20 -1.35 -3.60 -11.32
CA GLU A 20 -2.17 -2.49 -11.78
C GLU A 20 -3.42 -2.34 -10.91
N ALA A 21 -3.77 -3.42 -10.22
CA ALA A 21 -4.95 -3.42 -9.36
C ALA A 21 -4.76 -2.53 -8.13
N ALA A 22 -3.51 -2.15 -7.87
CA ALA A 22 -3.20 -1.30 -6.72
C ALA A 22 -3.81 0.09 -6.91
N ALA A 23 -4.00 0.48 -8.16
CA ALA A 23 -4.62 1.76 -8.48
C ALA A 23 -6.13 1.70 -8.24
N LYS A 24 -6.65 0.49 -8.21
CA LYS A 24 -8.08 0.28 -7.99
C LYS A 24 -8.37 0.06 -6.52
N GLY A 25 -7.81 -1.00 -5.95
CA GLY A 25 -8.01 -1.29 -4.54
C GLY A 25 -7.35 -2.55 -4.08
N PHE A 26 -6.16 -2.83 -4.62
CA PHE A 26 -5.41 -4.01 -4.23
C PHE A 26 -4.50 -3.68 -3.05
N ALA A 27 -4.29 -2.40 -2.85
CA ALA A 27 -3.42 -1.91 -1.79
C ALA A 27 -4.23 -1.05 -0.82
N TRP A 28 -3.61 -0.65 0.27
CA TRP A 28 -4.29 0.08 1.32
C TRP A 28 -4.32 1.58 1.03
N ASN A 29 -4.69 1.90 -0.19
CA ASN A 29 -4.91 3.28 -0.58
C ASN A 29 -6.38 3.54 -0.83
N VAL A 30 -6.93 4.56 -0.18
CA VAL A 30 -8.28 4.99 -0.47
C VAL A 30 -8.20 6.01 -1.57
N CYS A 31 -8.43 5.57 -2.78
CA CYS A 31 -8.20 6.41 -3.94
C CYS A 31 -9.49 6.76 -4.66
N VAL A 32 -9.63 8.05 -4.98
CA VAL A 32 -10.74 8.53 -5.79
C VAL A 32 -10.20 9.51 -6.82
N TYR A 33 -10.97 9.82 -7.82
CA TYR A 33 -10.47 10.65 -8.91
C TYR A 33 -11.02 12.06 -8.81
N ARG A 34 -10.31 12.90 -8.07
CA ARG A 34 -10.70 14.29 -7.91
C ARG A 34 -10.04 15.11 -9.02
N ASN A 35 -10.86 15.60 -9.95
CA ASN A 35 -10.37 16.31 -11.12
C ASN A 35 -9.60 15.34 -12.04
N GLY A 36 -10.02 14.09 -12.02
CA GLY A 36 -9.36 13.08 -12.84
C GLY A 36 -8.02 12.65 -12.28
N VAL A 37 -7.68 13.17 -11.11
CA VAL A 37 -6.44 12.81 -10.44
C VAL A 37 -6.71 11.75 -9.38
N ARG A 38 -5.87 10.73 -9.36
CA ARG A 38 -6.05 9.61 -8.46
C ARG A 38 -5.50 9.95 -7.08
N VAL A 39 -6.36 10.50 -6.24
CA VAL A 39 -5.98 10.89 -4.90
C VAL A 39 -6.15 9.72 -3.96
N CYS A 40 -5.24 9.59 -3.03
CA CYS A 40 -5.30 8.53 -2.05
C CYS A 40 -5.13 9.14 -0.65
N HIS A 41 -5.90 8.64 0.30
CA HIS A 41 -5.87 9.19 1.65
C HIS A 41 -5.85 8.09 2.70
N ARG A 42 -5.62 8.49 3.95
CA ARG A 42 -5.57 7.57 5.07
C ARG A 42 -6.88 6.81 5.22
N ARG A 43 -6.79 5.64 5.83
CA ARG A 43 -7.92 4.74 5.94
C ARG A 43 -8.65 4.93 7.25
N ALA A 44 -9.91 4.55 7.26
CA ALA A 44 -10.69 4.48 8.47
C ALA A 44 -10.71 3.04 8.96
N ASN A 45 -10.62 2.16 7.98
CA ASN A 45 -10.51 0.72 8.17
C ASN A 45 -10.62 0.02 6.82
N ARG A 1 14.47 -17.67 4.23
CA ARG A 1 15.71 -17.67 3.43
C ARG A 1 15.40 -17.50 1.94
N VAL A 2 14.61 -16.50 1.61
CA VAL A 2 14.18 -16.28 0.23
C VAL A 2 14.88 -15.07 -0.38
N GLN A 3 14.87 -15.01 -1.70
CA GLN A 3 15.49 -13.92 -2.42
C GLN A 3 14.58 -12.69 -2.42
N GLY A 4 15.06 -11.61 -1.82
CA GLY A 4 14.24 -10.44 -1.60
C GLY A 4 14.00 -9.61 -2.85
N ARG A 5 14.56 -10.03 -3.98
CA ARG A 5 14.32 -9.33 -5.23
C ARG A 5 12.91 -9.60 -5.74
N TRP A 6 12.50 -10.87 -5.72
CA TRP A 6 11.22 -11.26 -6.28
C TRP A 6 10.25 -11.71 -5.19
N LYS A 7 10.74 -12.48 -4.23
CA LYS A 7 9.86 -13.21 -3.31
C LYS A 7 9.29 -12.30 -2.23
N VAL A 8 9.63 -11.01 -2.25
CA VAL A 8 9.08 -10.06 -1.29
C VAL A 8 7.57 -9.93 -1.46
N ARG A 9 7.07 -10.31 -2.63
CA ARG A 9 5.64 -10.33 -2.89
C ARG A 9 4.94 -11.30 -1.92
N ALA A 10 5.63 -12.39 -1.59
CA ALA A 10 5.09 -13.38 -0.68
C ALA A 10 5.43 -13.03 0.76
N SER A 11 6.47 -12.22 0.95
CA SER A 11 6.90 -11.81 2.27
C SER A 11 5.82 -10.95 2.94
N PHE A 12 4.97 -10.34 2.12
CA PHE A 12 3.87 -9.52 2.62
C PHE A 12 2.90 -10.33 3.47
N PHE A 13 2.97 -11.65 3.37
CA PHE A 13 2.07 -12.52 4.13
C PHE A 13 2.56 -12.69 5.57
N LYS A 14 3.81 -13.09 5.73
CA LYS A 14 4.35 -13.29 7.08
C LYS A 14 4.62 -11.94 7.75
N GLU A 15 4.96 -10.95 6.95
CA GLU A 15 5.24 -9.61 7.46
C GLU A 15 3.97 -8.76 7.47
N ALA A 16 2.83 -9.40 7.22
CA ALA A 16 1.54 -8.71 7.23
C ALA A 16 1.17 -8.30 8.65
N ALA A 17 1.77 -8.94 9.63
CA ALA A 17 1.55 -8.59 11.03
C ALA A 17 2.16 -7.23 11.35
N ALA A 18 2.98 -6.72 10.43
CA ALA A 18 3.59 -5.42 10.57
C ALA A 18 2.80 -4.36 9.83
N LYS A 19 1.63 -4.75 9.34
CA LYS A 19 0.74 -3.84 8.61
C LYS A 19 -0.10 -3.00 9.56
N GLU A 20 0.29 -2.98 10.83
CA GLU A 20 -0.34 -2.12 11.83
C GLU A 20 -0.27 -0.64 11.41
N ALA A 21 0.64 -0.33 10.49
CA ALA A 21 0.77 1.01 9.97
C ALA A 21 -0.09 1.23 8.72
N ALA A 22 -0.84 0.20 8.32
CA ALA A 22 -1.64 0.26 7.09
C ALA A 22 -2.66 1.39 7.13
N ALA A 23 -3.14 1.72 8.32
CA ALA A 23 -4.11 2.79 8.50
C ALA A 23 -3.50 4.15 8.18
N LYS A 24 -2.18 4.18 8.03
CA LYS A 24 -1.47 5.40 7.66
C LYS A 24 -1.22 5.41 6.15
N GLY A 25 -1.81 4.44 5.46
CA GLY A 25 -1.63 4.32 4.03
C GLY A 25 -0.48 3.41 3.67
N PHE A 26 -0.19 2.45 4.54
CA PHE A 26 0.93 1.54 4.36
C PHE A 26 0.44 0.22 3.76
N ALA A 27 -0.84 0.22 3.40
CA ALA A 27 -1.46 -0.93 2.74
C ALA A 27 -2.89 -0.62 2.34
N TRP A 28 -3.46 0.32 3.03
CA TRP A 28 -4.82 0.75 2.76
C TRP A 28 -4.83 2.20 2.29
N ASN A 29 -4.80 2.37 0.99
CA ASN A 29 -4.90 3.70 0.40
C ASN A 29 -6.23 3.85 -0.31
N VAL A 30 -7.00 4.84 0.10
CA VAL A 30 -8.28 5.10 -0.52
C VAL A 30 -8.07 6.03 -1.70
N CYS A 31 -8.00 5.45 -2.87
CA CYS A 31 -7.73 6.22 -4.07
C CYS A 31 -8.98 6.43 -4.90
N VAL A 32 -9.27 7.69 -5.18
CA VAL A 32 -10.40 8.09 -5.99
C VAL A 32 -9.94 9.09 -7.03
N TYR A 33 -10.85 9.57 -7.85
CA TYR A 33 -10.48 10.50 -8.90
C TYR A 33 -11.07 11.88 -8.66
N ARG A 34 -10.27 12.74 -8.05
CA ARG A 34 -10.67 14.11 -7.83
C ARG A 34 -10.13 14.99 -8.94
N ASN A 35 -11.01 15.78 -9.55
CA ASN A 35 -10.71 16.64 -10.71
C ASN A 35 -9.99 15.87 -11.83
N GLY A 36 -10.12 14.55 -11.82
CA GLY A 36 -9.51 13.74 -12.86
C GLY A 36 -8.23 13.06 -12.40
N VAL A 37 -7.71 13.48 -11.25
CA VAL A 37 -6.47 12.93 -10.73
C VAL A 37 -6.75 11.87 -9.68
N ARG A 38 -6.00 10.78 -9.75
CA ARG A 38 -6.16 9.71 -8.80
C ARG A 38 -5.52 10.10 -7.47
N VAL A 39 -6.36 10.32 -6.49
CA VAL A 39 -5.94 10.82 -5.20
C VAL A 39 -6.15 9.76 -4.13
N CYS A 40 -5.17 9.57 -3.27
CA CYS A 40 -5.25 8.54 -2.26
C CYS A 40 -5.10 9.14 -0.87
N HIS A 41 -5.80 8.56 0.09
CA HIS A 41 -5.69 8.95 1.49
C HIS A 41 -5.71 7.72 2.37
N ARG A 42 -5.34 7.90 3.62
CA ARG A 42 -5.32 6.81 4.59
C ARG A 42 -6.73 6.28 4.79
N ARG A 43 -6.84 4.98 5.02
CA ARG A 43 -8.13 4.35 5.20
C ARG A 43 -8.41 4.12 6.67
N ALA A 44 -9.68 4.27 7.04
CA ALA A 44 -10.13 3.99 8.38
C ALA A 44 -11.24 2.95 8.34
N ASN A 45 -10.90 1.72 8.72
CA ASN A 45 -11.84 0.62 8.65
C ASN A 45 -11.79 -0.18 9.95
N ARG A 1 26.41 9.53 -15.33
CA ARG A 1 25.95 10.28 -16.52
C ARG A 1 24.84 9.51 -17.25
N VAL A 2 25.19 8.39 -17.86
CA VAL A 2 24.23 7.61 -18.62
C VAL A 2 23.63 6.49 -17.76
N GLN A 3 22.63 6.86 -16.96
CA GLN A 3 21.94 5.88 -16.14
C GLN A 3 20.80 5.26 -16.94
N GLY A 4 20.68 3.93 -16.86
CA GLY A 4 19.70 3.21 -17.64
C GLY A 4 18.32 3.22 -17.01
N ARG A 5 18.05 4.24 -16.19
CA ARG A 5 16.78 4.35 -15.49
C ARG A 5 15.62 4.57 -16.46
N TRP A 6 15.91 5.14 -17.62
CA TRP A 6 14.88 5.44 -18.60
C TRP A 6 14.54 4.19 -19.40
N LYS A 7 15.57 3.40 -19.69
CA LYS A 7 15.39 2.18 -20.46
C LYS A 7 14.55 1.17 -19.69
N VAL A 8 14.61 1.23 -18.36
CA VAL A 8 13.83 0.35 -17.52
C VAL A 8 12.62 1.07 -16.92
N ARG A 9 12.41 2.30 -17.36
CA ARG A 9 11.38 3.15 -16.77
C ARG A 9 9.99 2.64 -17.08
N ALA A 10 9.71 2.34 -18.33
CA ALA A 10 8.38 1.88 -18.71
C ALA A 10 8.29 0.36 -18.67
N SER A 11 9.45 -0.29 -18.69
CA SER A 11 9.50 -1.74 -18.71
C SER A 11 9.42 -2.33 -17.31
N PHE A 12 10.28 -1.88 -16.42
CA PHE A 12 10.35 -2.44 -15.08
C PHE A 12 9.79 -1.46 -14.04
N PHE A 13 10.21 -0.21 -14.13
CA PHE A 13 9.85 0.81 -13.13
C PHE A 13 8.34 0.96 -12.97
N LYS A 14 7.60 0.75 -14.05
CA LYS A 14 6.15 0.88 -14.00
C LYS A 14 5.57 -0.08 -12.98
N GLU A 15 6.09 -1.30 -12.97
CA GLU A 15 5.66 -2.32 -12.03
C GLU A 15 6.39 -2.15 -10.70
N ALA A 16 7.66 -1.77 -10.77
CA ALA A 16 8.47 -1.58 -9.59
C ALA A 16 7.87 -0.51 -8.67
N ALA A 17 7.31 0.54 -9.27
CA ALA A 17 6.66 1.59 -8.51
C ALA A 17 5.40 1.07 -7.83
N ALA A 18 4.62 0.29 -8.57
CA ALA A 18 3.39 -0.29 -8.04
C ALA A 18 3.71 -1.33 -6.96
N LYS A 19 4.79 -2.07 -7.19
CA LYS A 19 5.24 -3.08 -6.23
C LYS A 19 5.85 -2.42 -5.00
N GLU A 20 6.36 -1.22 -5.18
CA GLU A 20 6.96 -0.48 -4.08
C GLU A 20 5.90 0.20 -3.23
N ALA A 21 5.08 1.01 -3.88
CA ALA A 21 4.09 1.82 -3.18
C ALA A 21 2.84 1.01 -2.83
N ALA A 22 2.23 0.41 -3.85
CA ALA A 22 0.94 -0.25 -3.67
C ALA A 22 1.06 -1.62 -3.01
N ALA A 23 2.23 -1.91 -2.46
CA ALA A 23 2.42 -3.14 -1.68
C ALA A 23 2.57 -2.81 -0.21
N LYS A 24 3.14 -1.63 0.07
CA LYS A 24 3.29 -1.18 1.44
C LYS A 24 3.24 0.35 1.49
N GLY A 25 2.35 0.88 2.33
CA GLY A 25 2.20 2.31 2.42
C GLY A 25 1.03 2.79 1.60
N PHE A 26 0.99 2.38 0.34
CA PHE A 26 -0.08 2.75 -0.56
C PHE A 26 -0.93 1.53 -0.91
N ALA A 27 -0.94 0.56 -0.01
CA ALA A 27 -1.73 -0.65 -0.19
C ALA A 27 -2.93 -0.64 0.71
N TRP A 28 -3.10 0.46 1.41
CA TRP A 28 -4.19 0.65 2.33
C TRP A 28 -4.72 2.08 2.21
N ASN A 29 -4.87 2.51 0.99
CA ASN A 29 -5.34 3.87 0.71
C ASN A 29 -6.73 3.85 0.11
N VAL A 30 -7.35 5.01 0.10
CA VAL A 30 -8.63 5.22 -0.55
C VAL A 30 -8.42 6.14 -1.74
N CYS A 31 -8.33 5.57 -2.93
CA CYS A 31 -8.05 6.35 -4.12
C CYS A 31 -9.31 6.64 -4.92
N VAL A 32 -9.50 7.91 -5.22
CA VAL A 32 -10.61 8.37 -6.04
C VAL A 32 -10.13 9.45 -7.00
N TYR A 33 -10.81 9.59 -8.11
CA TYR A 33 -10.39 10.54 -9.13
C TYR A 33 -11.03 11.90 -8.91
N ARG A 34 -10.32 12.75 -8.18
CA ARG A 34 -10.76 14.11 -7.96
C ARG A 34 -10.08 15.03 -8.96
N ASN A 35 -10.88 15.62 -9.84
CA ASN A 35 -10.38 16.46 -10.92
C ASN A 35 -9.53 15.61 -11.87
N GLY A 36 -9.94 14.35 -12.04
CA GLY A 36 -9.25 13.47 -12.97
C GLY A 36 -7.99 12.86 -12.39
N VAL A 37 -7.58 13.34 -11.22
CA VAL A 37 -6.38 12.81 -10.57
C VAL A 37 -6.76 11.82 -9.49
N ARG A 38 -6.04 10.71 -9.46
CA ARG A 38 -6.32 9.65 -8.51
C ARG A 38 -5.75 10.02 -7.15
N VAL A 39 -6.57 10.69 -6.35
CA VAL A 39 -6.19 11.14 -5.02
C VAL A 39 -6.37 10.00 -4.02
N CYS A 40 -5.40 9.82 -3.14
CA CYS A 40 -5.45 8.71 -2.20
C CYS A 40 -5.16 9.16 -0.79
N HIS A 41 -5.98 8.70 0.14
CA HIS A 41 -5.75 8.95 1.57
C HIS A 41 -5.72 7.64 2.32
N ARG A 42 -5.19 7.68 3.54
CA ARG A 42 -5.01 6.48 4.34
C ARG A 42 -6.33 6.03 4.95
N ARG A 43 -6.51 4.73 5.08
CA ARG A 43 -7.73 4.17 5.62
C ARG A 43 -7.71 4.19 7.14
N ALA A 44 -8.86 4.39 7.73
CA ALA A 44 -8.99 4.47 9.18
C ALA A 44 -9.48 3.14 9.73
N ASN A 45 -8.61 2.13 9.70
CA ASN A 45 -8.97 0.80 10.14
C ASN A 45 -8.08 0.38 11.29
N ARG A 1 12.60 -5.43 35.49
CA ARG A 1 13.83 -5.81 34.74
C ARG A 1 13.58 -5.78 33.23
N VAL A 2 12.37 -6.11 32.81
CA VAL A 2 12.04 -6.11 31.39
C VAL A 2 11.56 -4.73 30.95
N GLN A 3 11.57 -4.50 29.65
CA GLN A 3 11.15 -3.22 29.10
C GLN A 3 9.91 -3.38 28.23
N GLY A 4 8.79 -2.88 28.71
CA GLY A 4 7.54 -2.99 27.99
C GLY A 4 7.55 -2.22 26.70
N ARG A 5 8.28 -1.11 26.68
CA ARG A 5 8.40 -0.29 25.48
C ARG A 5 9.05 -1.08 24.34
N TRP A 6 9.80 -2.12 24.69
CA TRP A 6 10.45 -2.96 23.71
C TRP A 6 9.53 -4.10 23.31
N LYS A 7 8.79 -4.61 24.29
CA LYS A 7 7.83 -5.67 24.04
C LYS A 7 6.76 -5.22 23.06
N VAL A 8 6.25 -4.01 23.25
CA VAL A 8 5.24 -3.44 22.36
C VAL A 8 5.79 -3.34 20.93
N ARG A 9 7.06 -3.00 20.81
CA ARG A 9 7.69 -2.88 19.51
C ARG A 9 7.90 -4.27 18.90
N ALA A 10 8.47 -5.17 19.69
CA ALA A 10 8.78 -6.52 19.24
C ALA A 10 7.51 -7.29 18.88
N SER A 11 6.44 -7.05 19.63
CA SER A 11 5.16 -7.71 19.38
C SER A 11 4.64 -7.34 17.99
N PHE A 12 4.58 -6.04 17.71
CA PHE A 12 4.12 -5.56 16.41
C PHE A 12 5.16 -5.84 15.34
N PHE A 13 6.42 -5.94 15.73
CA PHE A 13 7.52 -6.23 14.82
C PHE A 13 7.32 -7.56 14.11
N LYS A 14 6.61 -8.46 14.76
CA LYS A 14 6.33 -9.76 14.21
C LYS A 14 5.47 -9.62 12.94
N GLU A 15 4.45 -8.78 13.02
CA GLU A 15 3.57 -8.54 11.89
C GLU A 15 4.07 -7.37 11.04
N ALA A 16 5.05 -6.64 11.56
CA ALA A 16 5.63 -5.51 10.84
C ALA A 16 6.33 -5.96 9.58
N ALA A 17 6.78 -7.21 9.58
CA ALA A 17 7.39 -7.81 8.40
C ALA A 17 6.39 -7.88 7.26
N ALA A 18 5.12 -8.06 7.61
CA ALA A 18 4.05 -8.08 6.63
C ALA A 18 3.53 -6.66 6.39
N LYS A 19 3.77 -5.79 7.36
CA LYS A 19 3.33 -4.39 7.28
C LYS A 19 4.15 -3.65 6.23
N GLU A 20 5.46 -3.87 6.25
CA GLU A 20 6.34 -3.23 5.27
C GLU A 20 6.17 -3.88 3.90
N ALA A 21 5.70 -5.12 3.89
CA ALA A 21 5.44 -5.84 2.65
C ALA A 21 4.16 -5.33 1.99
N ALA A 22 3.39 -4.58 2.76
CA ALA A 22 2.16 -3.99 2.28
C ALA A 22 2.38 -2.53 1.93
N ALA A 23 3.65 -2.18 1.72
CA ALA A 23 4.08 -0.80 1.45
C ALA A 23 3.10 -0.03 0.57
N LYS A 24 2.62 -0.65 -0.50
CA LYS A 24 1.67 0.02 -1.38
C LYS A 24 0.24 -0.27 -0.93
N GLY A 25 -0.09 0.15 0.28
CA GLY A 25 -1.43 -0.06 0.78
C GLY A 25 -1.46 -0.70 2.16
N PHE A 26 -0.54 -0.29 3.02
CA PHE A 26 -0.49 -0.82 4.37
C PHE A 26 -1.43 -0.04 5.26
N ALA A 27 -1.65 1.20 4.88
CA ALA A 27 -2.58 2.06 5.57
C ALA A 27 -3.84 2.23 4.73
N TRP A 28 -3.98 1.29 3.79
CA TRP A 28 -5.09 1.24 2.85
C TRP A 28 -5.32 2.57 2.16
N ASN A 29 -4.74 2.72 0.99
CA ASN A 29 -4.87 3.95 0.23
C ASN A 29 -6.23 4.00 -0.45
N VAL A 30 -7.02 4.98 -0.07
CA VAL A 30 -8.31 5.20 -0.69
C VAL A 30 -8.11 6.10 -1.89
N CYS A 31 -8.01 5.50 -3.05
CA CYS A 31 -7.75 6.24 -4.27
C CYS A 31 -9.01 6.40 -5.10
N VAL A 32 -9.32 7.64 -5.42
CA VAL A 32 -10.45 7.97 -6.28
C VAL A 32 -10.02 9.03 -7.28
N TYR A 33 -10.79 9.21 -8.33
CA TYR A 33 -10.43 10.18 -9.36
C TYR A 33 -11.04 11.52 -9.01
N ARG A 34 -10.29 12.30 -8.26
CA ARG A 34 -10.75 13.57 -7.75
C ARG A 34 -10.13 14.70 -8.57
N ASN A 35 -10.98 15.48 -9.22
CA ASN A 35 -10.53 16.55 -10.10
C ASN A 35 -9.77 15.96 -11.31
N GLY A 36 -10.02 14.69 -11.57
CA GLY A 36 -9.39 14.03 -12.70
C GLY A 36 -8.15 13.25 -12.29
N VAL A 37 -7.60 13.56 -11.13
CA VAL A 37 -6.40 12.88 -10.67
C VAL A 37 -6.73 11.88 -9.58
N ARG A 38 -6.10 10.72 -9.67
CA ARG A 38 -6.30 9.66 -8.71
C ARG A 38 -5.68 10.05 -7.37
N VAL A 39 -6.53 10.46 -6.45
CA VAL A 39 -6.09 10.91 -5.14
C VAL A 39 -6.25 9.79 -4.13
N CYS A 40 -5.25 9.61 -3.28
CA CYS A 40 -5.30 8.56 -2.28
C CYS A 40 -5.06 9.10 -0.88
N HIS A 41 -5.78 8.55 0.08
CA HIS A 41 -5.59 8.89 1.49
C HIS A 41 -5.64 7.63 2.32
N ARG A 42 -5.20 7.74 3.56
CA ARG A 42 -5.11 6.61 4.46
C ARG A 42 -6.47 6.27 5.04
N ARG A 43 -6.82 5.00 5.00
CA ARG A 43 -8.10 4.54 5.50
C ARG A 43 -7.95 3.93 6.89
N ALA A 44 -9.00 3.99 7.67
CA ALA A 44 -9.01 3.37 8.97
C ALA A 44 -10.13 2.34 9.06
N ASN A 45 -9.77 1.08 8.94
CA ASN A 45 -10.75 0.01 9.00
C ASN A 45 -11.11 -0.32 10.43
N ARG A 1 23.45 19.13 -1.53
CA ARG A 1 22.52 19.99 -0.76
C ARG A 1 21.48 19.17 -0.03
N VAL A 2 21.08 18.04 -0.62
CA VAL A 2 20.12 17.15 0.02
C VAL A 2 20.87 16.03 0.72
N GLN A 3 20.54 15.80 1.98
CA GLN A 3 21.21 14.78 2.76
C GLN A 3 20.57 13.41 2.53
N GLY A 4 21.30 12.55 1.83
CA GLY A 4 20.77 11.26 1.44
C GLY A 4 20.85 10.22 2.55
N ARG A 5 20.88 10.69 3.79
CA ARG A 5 20.88 9.79 4.94
C ARG A 5 19.47 9.30 5.24
N TRP A 6 18.49 10.18 5.08
CA TRP A 6 17.11 9.83 5.41
C TRP A 6 16.27 9.72 4.14
N LYS A 7 16.72 10.38 3.07
CA LYS A 7 15.93 10.47 1.84
C LYS A 7 15.76 9.10 1.19
N VAL A 8 16.63 8.16 1.56
CA VAL A 8 16.56 6.80 1.05
C VAL A 8 15.22 6.15 1.43
N ARG A 9 14.70 6.52 2.59
CA ARG A 9 13.41 6.02 3.05
C ARG A 9 12.31 6.42 2.08
N ALA A 10 12.29 7.71 1.74
CA ALA A 10 11.29 8.24 0.81
C ALA A 10 11.60 7.80 -0.61
N SER A 11 12.87 7.46 -0.85
CA SER A 11 13.29 6.94 -2.13
C SER A 11 12.67 5.59 -2.40
N PHE A 12 12.80 4.67 -1.43
CA PHE A 12 12.17 3.36 -1.54
C PHE A 12 10.66 3.49 -1.60
N PHE A 13 10.15 4.54 -0.96
CA PHE A 13 8.71 4.81 -0.94
C PHE A 13 8.15 4.98 -2.35
N LYS A 14 8.99 5.44 -3.27
CA LYS A 14 8.54 5.64 -4.66
C LYS A 14 8.13 4.31 -5.27
N GLU A 15 8.95 3.30 -5.06
CA GLU A 15 8.71 1.98 -5.60
C GLU A 15 7.69 1.23 -4.73
N ALA A 16 7.69 1.54 -3.44
CA ALA A 16 6.74 0.95 -2.51
C ALA A 16 5.31 1.37 -2.84
N ALA A 17 5.14 2.63 -3.22
CA ALA A 17 3.84 3.14 -3.62
C ALA A 17 3.44 2.58 -4.98
N ALA A 18 4.44 2.21 -5.77
CA ALA A 18 4.21 1.64 -7.09
C ALA A 18 3.88 0.15 -6.99
N LYS A 19 4.12 -0.41 -5.79
CA LYS A 19 3.85 -1.81 -5.52
C LYS A 19 2.38 -2.00 -5.13
N GLU A 20 1.59 -0.94 -5.34
CA GLU A 20 0.18 -0.93 -4.98
C GLU A 20 -0.64 -1.92 -5.81
N ALA A 21 0.01 -2.70 -6.66
CA ALA A 21 -0.69 -3.67 -7.50
C ALA A 21 -1.29 -4.77 -6.63
N ALA A 22 -0.86 -4.86 -5.39
CA ALA A 22 -1.38 -5.81 -4.44
C ALA A 22 -2.36 -5.13 -3.50
N ALA A 23 -2.89 -3.98 -3.93
CA ALA A 23 -3.76 -3.13 -3.11
C ALA A 23 -4.94 -3.86 -2.48
N LYS A 24 -5.22 -5.08 -2.96
CA LYS A 24 -6.27 -5.90 -2.39
C LYS A 24 -6.08 -6.05 -0.88
N GLY A 25 -4.83 -6.23 -0.46
CA GLY A 25 -4.53 -6.27 0.97
C GLY A 25 -3.08 -5.97 1.28
N PHE A 26 -2.41 -5.34 0.34
CA PHE A 26 -1.00 -4.96 0.53
C PHE A 26 -0.82 -3.46 0.38
N ALA A 27 -1.92 -2.77 0.11
CA ALA A 27 -1.90 -1.33 -0.11
C ALA A 27 -3.31 -0.80 -0.19
N TRP A 28 -4.02 -0.87 0.93
CA TRP A 28 -5.42 -0.45 0.98
C TRP A 28 -5.52 1.07 1.14
N ASN A 29 -4.80 1.77 0.29
CA ASN A 29 -4.88 3.21 0.24
C ASN A 29 -6.20 3.62 -0.38
N VAL A 30 -6.80 4.67 0.16
CA VAL A 30 -8.09 5.11 -0.32
C VAL A 30 -7.90 6.12 -1.43
N CYS A 31 -8.00 5.66 -2.66
CA CYS A 31 -7.79 6.51 -3.82
C CYS A 31 -9.08 6.74 -4.59
N VAL A 32 -9.30 7.98 -5.02
CA VAL A 32 -10.44 8.29 -5.87
C VAL A 32 -10.01 9.23 -6.98
N TYR A 33 -10.79 9.28 -8.04
CA TYR A 33 -10.48 10.15 -9.16
C TYR A 33 -11.10 11.50 -8.95
N ARG A 34 -10.34 12.38 -8.34
CA ARG A 34 -10.80 13.69 -7.95
C ARG A 34 -10.37 14.71 -9.00
N ASN A 35 -11.30 15.04 -9.90
CA ASN A 35 -11.04 15.98 -10.98
C ASN A 35 -9.94 15.44 -11.89
N GLY A 36 -10.03 14.15 -12.19
CA GLY A 36 -9.05 13.53 -13.06
C GLY A 36 -7.79 13.10 -12.33
N VAL A 37 -7.57 13.65 -11.15
CA VAL A 37 -6.40 13.30 -10.37
C VAL A 37 -6.74 12.24 -9.33
N ARG A 38 -5.97 11.19 -9.34
CA ARG A 38 -6.20 10.06 -8.46
C ARG A 38 -5.59 10.34 -7.09
N VAL A 39 -6.44 10.76 -6.16
CA VAL A 39 -6.00 11.12 -4.84
C VAL A 39 -6.09 9.93 -3.91
N CYS A 40 -5.08 9.76 -3.07
CA CYS A 40 -5.08 8.67 -2.12
C CYS A 40 -4.84 9.21 -0.71
N HIS A 41 -5.72 8.82 0.21
CA HIS A 41 -5.61 9.27 1.58
C HIS A 41 -5.56 8.10 2.53
N ARG A 42 -5.19 8.39 3.77
CA ARG A 42 -5.17 7.40 4.82
C ARG A 42 -6.59 6.92 5.10
N ARG A 43 -6.71 5.70 5.61
CA ARG A 43 -7.99 5.10 5.87
C ARG A 43 -8.65 5.74 7.08
N ALA A 44 -9.95 5.89 6.97
CA ALA A 44 -10.75 6.51 8.01
C ALA A 44 -12.18 5.98 7.94
N ASN A 45 -12.33 4.70 8.21
CA ASN A 45 -13.62 4.05 8.14
C ASN A 45 -14.40 4.25 9.43
N ARG A 1 6.36 -1.70 -33.52
CA ARG A 1 6.87 -0.66 -32.62
C ARG A 1 7.95 -1.22 -31.71
N VAL A 2 9.05 -0.49 -31.59
CA VAL A 2 10.17 -0.91 -30.75
C VAL A 2 9.96 -0.44 -29.31
N GLN A 3 8.79 -0.74 -28.77
CA GLN A 3 8.45 -0.34 -27.41
C GLN A 3 8.93 -1.39 -26.42
N GLY A 4 9.32 -0.92 -25.23
CA GLY A 4 9.83 -1.80 -24.19
C GLY A 4 8.73 -2.49 -23.39
N ARG A 5 7.57 -2.69 -24.04
CA ARG A 5 6.39 -3.23 -23.36
C ARG A 5 6.62 -4.62 -22.78
N TRP A 6 7.62 -5.34 -23.28
CA TRP A 6 7.95 -6.65 -22.72
C TRP A 6 8.86 -6.51 -21.51
N LYS A 7 9.65 -5.45 -21.50
CA LYS A 7 10.61 -5.22 -20.42
C LYS A 7 9.91 -4.69 -19.18
N VAL A 8 8.82 -3.95 -19.39
CA VAL A 8 8.09 -3.34 -18.29
C VAL A 8 7.43 -4.41 -17.40
N ARG A 9 7.32 -5.62 -17.92
CA ARG A 9 6.71 -6.71 -17.17
C ARG A 9 7.56 -7.06 -15.94
N ALA A 10 8.87 -6.83 -16.05
CA ALA A 10 9.79 -7.09 -14.94
C ALA A 10 9.51 -6.15 -13.78
N SER A 11 8.87 -5.02 -14.08
CA SER A 11 8.54 -4.04 -13.07
C SER A 11 7.39 -4.53 -12.18
N PHE A 12 6.60 -5.47 -12.69
CA PHE A 12 5.49 -6.02 -11.92
C PHE A 12 6.03 -6.86 -10.78
N PHE A 13 7.21 -7.43 -10.96
CA PHE A 13 7.86 -8.20 -9.92
C PHE A 13 8.22 -7.32 -8.74
N LYS A 14 8.47 -6.05 -9.03
CA LYS A 14 8.81 -5.08 -8.02
C LYS A 14 7.55 -4.64 -7.27
N GLU A 15 6.45 -4.53 -8.01
CA GLU A 15 5.16 -4.21 -7.39
C GLU A 15 4.69 -5.38 -6.55
N ALA A 16 4.87 -6.59 -7.07
CA ALA A 16 4.52 -7.80 -6.35
C ALA A 16 5.43 -7.99 -5.14
N ALA A 17 6.59 -7.35 -5.16
CA ALA A 17 7.54 -7.42 -4.05
C ALA A 17 7.10 -6.50 -2.91
N ALA A 18 6.14 -5.63 -3.20
CA ALA A 18 5.61 -4.72 -2.20
C ALA A 18 4.40 -5.34 -1.52
N LYS A 19 4.14 -6.60 -1.83
CA LYS A 19 2.99 -7.32 -1.30
C LYS A 19 3.05 -7.40 0.22
N GLU A 20 4.27 -7.50 0.75
CA GLU A 20 4.49 -7.54 2.19
C GLU A 20 3.95 -6.30 2.88
N ALA A 21 4.04 -5.16 2.20
CA ALA A 21 3.53 -3.91 2.73
C ALA A 21 2.08 -3.71 2.31
N ALA A 22 1.74 -4.28 1.17
CA ALA A 22 0.39 -4.17 0.60
C ALA A 22 -0.66 -4.62 1.61
N ALA A 23 -0.46 -5.80 2.18
CA ALA A 23 -1.41 -6.37 3.13
C ALA A 23 -1.45 -5.56 4.42
N LYS A 24 -0.35 -4.87 4.72
CA LYS A 24 -0.26 -4.09 5.95
C LYS A 24 -1.00 -2.76 5.79
N GLY A 25 -0.52 -1.91 4.90
CA GLY A 25 -1.17 -0.63 4.69
C GLY A 25 -0.66 0.10 3.47
N PHE A 26 -0.24 -0.66 2.47
CA PHE A 26 0.25 -0.08 1.23
C PHE A 26 -0.76 -0.31 0.10
N ALA A 27 -1.66 -1.26 0.33
CA ALA A 27 -2.72 -1.55 -0.63
C ALA A 27 -4.08 -1.31 0.03
N TRP A 28 -4.09 -0.41 0.99
CA TRP A 28 -5.31 -0.06 1.71
C TRP A 28 -5.72 1.37 1.39
N ASN A 29 -4.93 2.04 0.56
CA ASN A 29 -5.17 3.44 0.24
C ASN A 29 -6.47 3.58 -0.53
N VAL A 30 -7.33 4.47 -0.07
CA VAL A 30 -8.58 4.73 -0.76
C VAL A 30 -8.34 5.82 -1.78
N CYS A 31 -8.13 5.40 -3.01
CA CYS A 31 -7.80 6.32 -4.08
C CYS A 31 -8.97 6.51 -5.02
N VAL A 32 -9.32 7.76 -5.26
CA VAL A 32 -10.39 8.11 -6.18
C VAL A 32 -9.92 9.17 -7.14
N TYR A 33 -10.67 9.38 -8.19
CA TYR A 33 -10.26 10.32 -9.23
C TYR A 33 -10.88 11.70 -8.97
N ARG A 34 -10.16 12.51 -8.22
CA ARG A 34 -10.62 13.81 -7.80
C ARG A 34 -10.07 14.86 -8.74
N ASN A 35 -10.95 15.45 -9.55
CA ASN A 35 -10.54 16.41 -10.58
C ASN A 35 -9.70 15.67 -11.63
N GLY A 36 -10.02 14.41 -11.83
CA GLY A 36 -9.33 13.61 -12.83
C GLY A 36 -8.07 12.94 -12.31
N VAL A 37 -7.52 13.47 -11.23
CA VAL A 37 -6.28 12.93 -10.69
C VAL A 37 -6.58 12.00 -9.52
N ARG A 38 -5.82 10.93 -9.44
CA ARG A 38 -6.05 9.91 -8.45
C ARG A 38 -5.54 10.36 -7.08
N VAL A 39 -6.47 10.60 -6.18
CA VAL A 39 -6.15 11.05 -4.85
C VAL A 39 -6.35 9.92 -3.85
N CYS A 40 -5.42 9.76 -2.93
CA CYS A 40 -5.49 8.67 -1.98
C CYS A 40 -5.52 9.18 -0.55
N HIS A 41 -6.57 8.81 0.17
CA HIS A 41 -6.71 9.24 1.55
C HIS A 41 -6.02 8.26 2.47
N ARG A 42 -5.82 8.68 3.69
CA ARG A 42 -5.12 7.89 4.67
C ARG A 42 -6.10 6.92 5.34
N ARG A 43 -5.75 5.65 5.33
CA ARG A 43 -6.62 4.61 5.82
C ARG A 43 -6.51 4.46 7.33
N ALA A 44 -7.66 4.46 7.99
CA ALA A 44 -7.71 4.28 9.43
C ALA A 44 -8.53 3.04 9.76
N ASN A 45 -7.84 1.95 10.07
CA ASN A 45 -8.51 0.69 10.37
C ASN A 45 -9.14 0.72 11.74
N ARG A 1 15.18 -8.07 26.44
CA ARG A 1 16.46 -8.79 26.70
C ARG A 1 16.26 -9.95 27.67
N VAL A 2 15.46 -9.73 28.71
CA VAL A 2 15.21 -10.77 29.71
C VAL A 2 13.81 -11.35 29.56
N GLN A 3 12.82 -10.47 29.40
CA GLN A 3 11.44 -10.91 29.27
C GLN A 3 11.08 -11.10 27.80
N GLY A 4 10.74 -12.33 27.44
CA GLY A 4 10.59 -12.72 26.05
C GLY A 4 9.42 -12.05 25.33
N ARG A 5 8.57 -11.34 26.06
CA ARG A 5 7.45 -10.66 25.42
C ARG A 5 7.94 -9.40 24.69
N TRP A 6 9.23 -9.11 24.83
CA TRP A 6 9.83 -7.97 24.14
C TRP A 6 10.20 -8.36 22.71
N LYS A 7 10.16 -9.67 22.44
CA LYS A 7 10.57 -10.20 21.15
C LYS A 7 9.43 -10.16 20.13
N VAL A 8 8.47 -9.27 20.37
CA VAL A 8 7.33 -9.08 19.48
C VAL A 8 7.77 -8.78 18.04
N ARG A 9 8.99 -8.27 17.90
CA ARG A 9 9.56 -7.99 16.58
C ARG A 9 9.65 -9.26 15.73
N ALA A 10 9.74 -10.41 16.40
CA ALA A 10 9.80 -11.69 15.72
C ALA A 10 8.41 -12.30 15.57
N SER A 11 7.49 -11.83 16.40
CA SER A 11 6.12 -12.33 16.37
C SER A 11 5.32 -11.65 15.28
N PHE A 12 5.38 -10.31 15.25
CA PHE A 12 4.66 -9.54 14.24
C PHE A 12 5.38 -9.57 12.91
N PHE A 13 6.48 -10.31 12.85
CA PHE A 13 7.27 -10.43 11.64
C PHE A 13 6.44 -11.07 10.52
N LYS A 14 5.55 -11.97 10.89
CA LYS A 14 4.64 -12.60 9.93
C LYS A 14 3.68 -11.56 9.34
N GLU A 15 3.27 -10.61 10.17
CA GLU A 15 2.35 -9.57 9.74
C GLU A 15 3.09 -8.57 8.84
N ALA A 16 4.38 -8.43 9.11
CA ALA A 16 5.22 -7.53 8.35
C ALA A 16 5.76 -8.21 7.09
N ALA A 17 5.35 -9.45 6.86
CA ALA A 17 5.80 -10.21 5.71
C ALA A 17 4.84 -10.07 4.54
N ALA A 18 3.91 -9.14 4.66
CA ALA A 18 2.92 -8.88 3.62
C ALA A 18 3.51 -8.03 2.49
N LYS A 19 4.83 -7.89 2.51
CA LYS A 19 5.55 -7.08 1.53
C LYS A 19 5.38 -7.64 0.11
N GLU A 20 5.16 -8.95 0.02
CA GLU A 20 5.02 -9.60 -1.28
C GLU A 20 3.73 -9.17 -1.97
N ALA A 21 2.75 -8.75 -1.17
CA ALA A 21 1.44 -8.37 -1.70
C ALA A 21 1.47 -6.97 -2.29
N ALA A 22 2.60 -6.29 -2.14
CA ALA A 22 2.76 -4.91 -2.62
C ALA A 22 2.55 -4.81 -4.12
N ALA A 23 2.67 -5.93 -4.82
CA ALA A 23 2.50 -5.96 -6.27
C ALA A 23 1.05 -5.70 -6.68
N LYS A 24 0.09 -6.14 -5.87
CA LYS A 24 -1.31 -5.99 -6.20
C LYS A 24 -2.19 -6.01 -4.95
N GLY A 25 -2.02 -7.02 -4.11
CA GLY A 25 -2.88 -7.19 -2.94
C GLY A 25 -2.50 -6.28 -1.79
N PHE A 26 -2.00 -5.11 -2.12
CA PHE A 26 -1.61 -4.12 -1.13
C PHE A 26 -2.41 -2.84 -1.36
N ALA A 27 -3.60 -3.01 -1.92
CA ALA A 27 -4.46 -1.88 -2.27
C ALA A 27 -5.11 -1.27 -1.03
N TRP A 28 -4.28 -0.77 -0.13
CA TRP A 28 -4.75 -0.08 1.07
C TRP A 28 -5.27 1.30 0.72
N ASN A 29 -4.71 1.86 -0.35
CA ASN A 29 -5.03 3.22 -0.77
C ASN A 29 -6.50 3.36 -1.12
N VAL A 30 -7.21 4.18 -0.36
CA VAL A 30 -8.58 4.51 -0.69
C VAL A 30 -8.55 5.72 -1.60
N CYS A 31 -8.63 5.46 -2.89
CA CYS A 31 -8.38 6.49 -3.88
C CYS A 31 -9.58 6.77 -4.76
N VAL A 32 -9.76 8.03 -5.10
CA VAL A 32 -10.82 8.45 -6.02
C VAL A 32 -10.27 9.51 -6.94
N TYR A 33 -10.84 9.60 -8.13
CA TYR A 33 -10.39 10.56 -9.11
C TYR A 33 -11.01 11.92 -8.85
N ARG A 34 -10.27 12.76 -8.16
CA ARG A 34 -10.69 14.10 -7.85
C ARG A 34 -10.07 15.05 -8.86
N ASN A 35 -10.82 15.31 -9.92
CA ASN A 35 -10.37 16.12 -11.05
C ASN A 35 -9.21 15.40 -11.76
N GLY A 36 -9.47 14.19 -12.22
CA GLY A 36 -8.52 13.47 -13.04
C GLY A 36 -7.38 12.85 -12.24
N VAL A 37 -7.17 13.33 -11.02
CA VAL A 37 -6.08 12.82 -10.20
C VAL A 37 -6.60 11.78 -9.22
N ARG A 38 -5.86 10.69 -9.11
CA ARG A 38 -6.23 9.60 -8.22
C ARG A 38 -5.78 9.92 -6.80
N VAL A 39 -6.74 10.31 -5.97
CA VAL A 39 -6.45 10.80 -4.63
C VAL A 39 -6.75 9.74 -3.58
N CYS A 40 -5.72 9.36 -2.85
CA CYS A 40 -5.89 8.36 -1.81
C CYS A 40 -5.91 9.03 -0.44
N HIS A 41 -6.86 8.63 0.39
CA HIS A 41 -7.02 9.23 1.71
C HIS A 41 -6.21 8.46 2.74
N ARG A 42 -6.06 9.07 3.90
CA ARG A 42 -5.31 8.45 5.00
C ARG A 42 -6.05 7.22 5.51
N ARG A 43 -5.34 6.12 5.67
CA ARG A 43 -5.94 4.87 6.07
C ARG A 43 -5.87 4.67 7.57
N ALA A 44 -6.77 3.86 8.08
CA ALA A 44 -6.82 3.55 9.50
C ALA A 44 -7.48 2.19 9.72
N ASN A 45 -6.68 1.14 9.69
CA ASN A 45 -7.18 -0.21 9.90
C ASN A 45 -6.76 -0.71 11.27
N ARG A 1 0.11 -2.79 33.43
CA ARG A 1 0.69 -1.57 32.79
C ARG A 1 0.45 -1.57 31.28
N VAL A 2 0.00 -2.71 30.74
CA VAL A 2 -0.21 -2.84 29.31
C VAL A 2 -1.59 -2.30 28.93
N GLN A 3 -1.65 -0.98 28.74
CA GLN A 3 -2.89 -0.32 28.36
C GLN A 3 -2.87 0.02 26.87
N GLY A 4 -3.91 0.69 26.40
CA GLY A 4 -3.96 1.10 25.00
C GLY A 4 -2.80 2.01 24.63
N ARG A 5 -2.43 2.88 25.56
CA ARG A 5 -1.32 3.80 25.35
C ARG A 5 0.03 3.10 25.51
N TRP A 6 -0.01 1.84 25.92
CA TRP A 6 1.21 1.06 26.10
C TRP A 6 1.47 0.23 24.85
N LYS A 7 0.40 -0.25 24.24
CA LYS A 7 0.50 -1.06 23.03
C LYS A 7 0.57 -0.17 21.79
N VAL A 8 0.88 1.10 22.00
CA VAL A 8 0.99 2.07 20.92
C VAL A 8 2.23 1.78 20.07
N ARG A 9 3.16 1.00 20.64
CA ARG A 9 4.38 0.63 19.94
C ARG A 9 4.04 -0.21 18.71
N ALA A 10 2.96 -0.96 18.80
CA ALA A 10 2.47 -1.76 17.69
C ALA A 10 2.01 -0.86 16.54
N SER A 11 1.50 0.31 16.88
CA SER A 11 1.06 1.27 15.88
C SER A 11 2.26 1.82 15.11
N PHE A 12 3.33 2.15 15.83
CA PHE A 12 4.55 2.63 15.20
C PHE A 12 5.21 1.53 14.40
N PHE A 13 5.08 0.31 14.88
CA PHE A 13 5.62 -0.86 14.19
C PHE A 13 4.87 -1.07 12.87
N LYS A 14 3.58 -0.79 12.87
CA LYS A 14 2.78 -0.89 11.67
C LYS A 14 3.19 0.19 10.68
N GLU A 15 3.36 1.41 11.19
CA GLU A 15 3.79 2.54 10.36
C GLU A 15 5.21 2.32 9.83
N ALA A 16 6.00 1.57 10.58
CA ALA A 16 7.39 1.29 10.21
C ALA A 16 7.46 0.38 9.00
N ALA A 17 6.74 -0.73 9.04
CA ALA A 17 6.78 -1.72 7.98
C ALA A 17 5.67 -1.50 6.97
N ALA A 18 4.98 -0.37 7.08
CA ALA A 18 3.86 -0.04 6.21
C ALA A 18 4.26 -0.03 4.75
N LYS A 19 5.34 0.69 4.44
CA LYS A 19 5.83 0.80 3.08
C LYS A 19 6.12 -0.58 2.47
N GLU A 20 6.70 -1.46 3.28
CA GLU A 20 7.05 -2.79 2.84
C GLU A 20 5.79 -3.64 2.60
N ALA A 21 4.94 -3.68 3.61
CA ALA A 21 3.75 -4.52 3.57
C ALA A 21 2.69 -3.99 2.61
N ALA A 22 2.81 -2.72 2.24
CA ALA A 22 1.91 -2.10 1.27
C ALA A 22 1.95 -2.83 -0.05
N ALA A 23 3.15 -3.30 -0.43
CA ALA A 23 3.33 -4.05 -1.66
C ALA A 23 2.58 -5.38 -1.57
N LYS A 24 2.59 -5.98 -0.38
CA LYS A 24 1.90 -7.24 -0.16
C LYS A 24 0.39 -7.03 -0.24
N GLY A 25 -0.14 -6.19 0.64
CA GLY A 25 -1.56 -5.89 0.61
C GLY A 25 -1.99 -4.96 1.72
N PHE A 26 -1.06 -4.13 2.17
CA PHE A 26 -1.35 -3.17 3.23
C PHE A 26 -1.42 -1.77 2.65
N ALA A 27 -1.74 -1.70 1.36
CA ALA A 27 -1.93 -0.42 0.69
C ALA A 27 -3.35 0.09 0.95
N TRP A 28 -3.61 0.41 2.20
CA TRP A 28 -4.94 0.84 2.63
C TRP A 28 -5.15 2.32 2.35
N ASN A 29 -4.99 2.68 1.09
CA ASN A 29 -5.20 4.05 0.65
C ASN A 29 -6.45 4.13 -0.21
N VAL A 30 -7.27 5.12 0.06
CA VAL A 30 -8.50 5.33 -0.66
C VAL A 30 -8.23 6.19 -1.87
N CYS A 31 -8.10 5.54 -3.02
CA CYS A 31 -7.83 6.23 -4.25
C CYS A 31 -9.12 6.57 -4.99
N VAL A 32 -9.32 7.85 -5.25
CA VAL A 32 -10.49 8.29 -6.01
C VAL A 32 -10.05 9.28 -7.08
N TYR A 33 -10.84 9.39 -8.12
CA TYR A 33 -10.51 10.29 -9.21
C TYR A 33 -11.13 11.66 -8.96
N ARG A 34 -10.36 12.49 -8.29
CA ARG A 34 -10.82 13.80 -7.89
C ARG A 34 -10.34 14.83 -8.90
N ASN A 35 -11.24 15.24 -9.79
CA ASN A 35 -10.92 16.19 -10.84
C ASN A 35 -9.86 15.61 -11.77
N GLY A 36 -10.02 14.34 -12.10
CA GLY A 36 -9.10 13.67 -13.00
C GLY A 36 -7.85 13.17 -12.30
N VAL A 37 -7.57 13.69 -11.11
CA VAL A 37 -6.39 13.29 -10.38
C VAL A 37 -6.74 12.24 -9.34
N ARG A 38 -5.98 11.17 -9.33
CA ARG A 38 -6.23 10.05 -8.45
C ARG A 38 -5.61 10.30 -7.08
N VAL A 39 -6.45 10.71 -6.14
CA VAL A 39 -5.99 10.96 -4.79
C VAL A 39 -6.07 9.69 -3.98
N CYS A 40 -5.10 9.49 -3.10
CA CYS A 40 -5.06 8.29 -2.30
C CYS A 40 -4.78 8.66 -0.85
N HIS A 41 -5.77 8.45 0.00
CA HIS A 41 -5.63 8.76 1.42
C HIS A 41 -5.76 7.53 2.26
N ARG A 42 -4.91 7.45 3.27
CA ARG A 42 -4.85 6.30 4.15
C ARG A 42 -6.16 6.13 4.91
N ARG A 43 -6.70 4.91 4.88
CA ARG A 43 -7.97 4.61 5.53
C ARG A 43 -7.89 4.86 7.02
N ALA A 44 -8.95 5.43 7.54
CA ALA A 44 -9.03 5.73 8.96
C ALA A 44 -9.88 4.70 9.67
N ASN A 45 -9.25 3.61 10.06
CA ASN A 45 -9.94 2.53 10.74
C ASN A 45 -9.55 2.50 12.22
#